data_3V9X
#
_entry.id   3V9X
#
_cell.length_a   46.280
_cell.length_b   46.280
_cell.length_c   314.379
_cell.angle_alpha   90.00
_cell.angle_beta   90.00
_cell.angle_gamma   120.00
#
_symmetry.space_group_name_H-M   'P 32'
#
loop_
_entity.id
_entity.type
_entity.pdbx_description
1 polymer 'Ribonuclease T'
2 polymer "DNA (5'-D(*TP*TP*AP*TP*AP*AP*A)-3')"
3 non-polymer 'MAGNESIUM ION'
4 water water
#
loop_
_entity_poly.entity_id
_entity_poly.type
_entity_poly.pdbx_seq_one_letter_code
_entity_poly.pdbx_strand_id
1 'polypeptide(L)'
;MGSSHHHHHHSSGLVPRGSHMSDNAQLTGLCDRFRGFYPVVIDVETAGFNAKTDALLEIAAITLKMDEQGWLMPDTTLHF
HVEPFVGANLQPEALAFNGIDPNDPDRGAVSEYEALHEIFKVVRKGIKASGCNRAIMVAHNANFDHSFMMAAAERASLKR
NPFHPFATFDTAALAGLALGQTVLSKACQTAGMDFDSTQAHSALYDTERTAVLFCEIVNRWKRLGGWPLSAAEEV
;
A,B,C,D
2 'polydeoxyribonucleotide' (DT)(DT)(DA)(DT)(DA)(DA)(DA) E,F,G,H
#
# COMPACT_ATOMS: atom_id res chain seq x y z
N ALA A 25 -39.17 -16.25 12.49
CA ALA A 25 -38.31 -15.12 12.16
C ALA A 25 -36.95 -15.61 11.67
N GLN A 26 -36.52 -16.78 12.16
CA GLN A 26 -35.29 -17.39 11.67
C GLN A 26 -35.47 -17.87 10.23
N LEU A 27 -36.72 -17.89 9.76
CA LEU A 27 -37.01 -18.26 8.38
C LEU A 27 -37.19 -17.05 7.47
N THR A 28 -37.00 -15.85 8.03
CA THR A 28 -36.97 -14.64 7.22
C THR A 28 -35.51 -14.35 6.84
N GLY A 29 -35.30 -13.35 5.99
CA GLY A 29 -33.95 -13.02 5.57
C GLY A 29 -33.27 -11.98 6.45
N LEU A 30 -33.90 -11.63 7.57
CA LEU A 30 -33.40 -10.54 8.41
C LEU A 30 -31.93 -10.73 8.79
N CYS A 31 -31.57 -11.94 9.20
CA CYS A 31 -30.25 -12.25 9.73
C CYS A 31 -29.19 -12.33 8.64
N ASP A 32 -29.63 -12.47 7.39
CA ASP A 32 -28.72 -12.57 6.27
C ASP A 32 -28.45 -11.21 5.64
N ARG A 33 -29.32 -10.25 5.92
CA ARG A 33 -29.24 -8.96 5.24
C ARG A 33 -28.05 -8.13 5.69
N PHE A 34 -27.78 -8.13 7.00
CA PHE A 34 -26.69 -7.33 7.54
C PHE A 34 -25.67 -8.16 8.33
N ARG A 35 -25.21 -9.25 7.72
CA ARG A 35 -24.22 -10.15 8.32
C ARG A 35 -24.47 -10.48 9.79
N GLY A 36 -25.73 -10.74 10.14
CA GLY A 36 -26.06 -11.16 11.49
C GLY A 36 -26.34 -10.04 12.46
N PHE A 37 -26.28 -8.79 11.99
CA PHE A 37 -26.65 -7.66 12.83
C PHE A 37 -28.16 -7.47 12.82
N TYR A 38 -28.72 -7.28 14.00
CA TYR A 38 -30.14 -7.07 14.20
C TYR A 38 -30.39 -5.58 14.39
N PRO A 39 -30.94 -4.91 13.36
CA PRO A 39 -31.10 -3.45 13.36
C PRO A 39 -32.19 -2.95 14.29
N VAL A 40 -31.85 -2.04 15.20
CA VAL A 40 -32.82 -1.46 16.12
C VAL A 40 -32.78 0.05 16.04
N VAL A 41 -33.91 0.65 15.69
CA VAL A 41 -33.97 2.10 15.56
C VAL A 41 -34.12 2.77 16.93
N ILE A 42 -33.34 3.82 17.16
CA ILE A 42 -33.32 4.50 18.46
C ILE A 42 -33.33 6.00 18.29
N ASP A 43 -34.13 6.68 19.11
CA ASP A 43 -34.04 8.12 19.26
C ASP A 43 -34.10 8.43 20.74
N VAL A 44 -33.23 9.32 21.18
CA VAL A 44 -33.27 9.79 22.56
C VAL A 44 -33.59 11.27 22.59
N GLU A 45 -34.19 11.72 23.67
CA GLU A 45 -34.26 13.15 23.95
C GLU A 45 -33.46 13.41 25.23
N THR A 46 -32.85 14.58 25.33
CA THR A 46 -31.82 14.82 26.32
C THR A 46 -31.90 16.25 26.83
N ALA A 47 -31.25 16.51 27.95
CA ALA A 47 -31.18 17.88 28.45
C ALA A 47 -29.88 18.58 28.04
N GLY A 48 -29.29 18.15 26.94
CA GLY A 48 -28.09 18.77 26.41
C GLY A 48 -27.37 17.87 25.42
N PHE A 49 -26.19 18.29 25.00
CA PHE A 49 -25.45 17.57 23.96
C PHE A 49 -24.38 16.60 24.50
N ASN A 50 -24.08 16.67 25.80
CA ASN A 50 -22.99 15.85 26.36
C ASN A 50 -23.49 14.56 27.01
N ALA A 51 -23.22 13.43 26.37
CA ALA A 51 -23.75 12.16 26.87
C ALA A 51 -23.27 11.87 28.28
N LYS A 52 -22.11 12.42 28.64
CA LYS A 52 -21.49 12.10 29.92
C LYS A 52 -22.04 12.95 31.06
N THR A 53 -22.51 14.15 30.76
CA THR A 53 -22.89 15.10 31.79
C THR A 53 -24.37 15.52 31.77
N ASP A 54 -25.02 15.38 30.62
CA ASP A 54 -26.40 15.84 30.44
C ASP A 54 -27.44 14.72 30.60
N ALA A 55 -28.59 15.06 31.20
CA ALA A 55 -29.59 14.04 31.47
C ALA A 55 -30.12 13.37 30.21
N LEU A 56 -30.29 12.04 30.26
CA LEU A 56 -31.09 11.33 29.27
C LEU A 56 -32.54 11.40 29.75
N LEU A 57 -33.43 11.94 28.90
CA LEU A 57 -34.79 12.25 29.34
C LEU A 57 -35.87 11.35 28.74
N GLU A 58 -35.58 10.72 27.62
CA GLU A 58 -36.58 9.95 26.89
C GLU A 58 -35.87 9.08 25.87
N ILE A 59 -36.44 7.90 25.61
CA ILE A 59 -35.87 7.02 24.61
C ILE A 59 -36.96 6.13 24.02
N ALA A 60 -36.92 5.94 22.71
CA ALA A 60 -37.80 4.98 22.06
C ALA A 60 -36.96 4.04 21.22
N ALA A 61 -37.46 2.81 21.05
CA ALA A 61 -36.76 1.78 20.32
C ALA A 61 -37.74 1.02 19.45
N ILE A 62 -37.35 0.78 18.20
CA ILE A 62 -38.18 0.04 17.27
C ILE A 62 -37.36 -1.06 16.60
N THR A 63 -37.71 -2.31 16.83
CA THR A 63 -37.03 -3.40 16.17
C THR A 63 -37.64 -3.59 14.80
N LEU A 64 -36.93 -4.28 13.92
CA LEU A 64 -37.42 -4.46 12.57
C LEU A 64 -37.60 -5.94 12.24
N LYS A 65 -38.38 -6.22 11.20
CA LYS A 65 -38.55 -7.59 10.71
C LYS A 65 -38.68 -7.55 9.20
N MET A 66 -38.49 -8.70 8.56
CA MET A 66 -38.71 -8.81 7.12
C MET A 66 -40.00 -9.59 6.86
N ASP A 67 -40.80 -9.15 5.90
CA ASP A 67 -41.99 -9.93 5.56
C ASP A 67 -41.59 -11.02 4.56
N GLU A 68 -42.56 -11.82 4.14
CA GLU A 68 -42.24 -12.98 3.31
C GLU A 68 -41.69 -12.59 1.94
N GLN A 69 -41.97 -11.36 1.50
CA GLN A 69 -41.43 -10.88 0.22
C GLN A 69 -40.05 -10.26 0.39
N GLY A 70 -39.51 -10.29 1.61
CA GLY A 70 -38.18 -9.74 1.86
C GLY A 70 -38.14 -8.25 2.10
N TRP A 71 -39.28 -7.65 2.41
CA TRP A 71 -39.32 -6.22 2.68
C TRP A 71 -39.13 -5.96 4.18
N LEU A 72 -38.32 -4.97 4.53
CA LEU A 72 -38.11 -4.56 5.91
C LEU A 72 -39.23 -3.64 6.43
N MET A 73 -39.64 -3.84 7.68
CA MET A 73 -40.71 -3.05 8.26
C MET A 73 -40.58 -3.07 9.78
N PRO A 74 -41.17 -2.08 10.45
CA PRO A 74 -41.14 -2.03 11.91
C PRO A 74 -41.78 -3.27 12.52
N ASP A 75 -41.23 -3.71 13.65
CA ASP A 75 -41.76 -4.87 14.34
C ASP A 75 -42.29 -4.42 15.71
N THR A 76 -41.42 -4.38 16.71
CA THR A 76 -41.82 -4.03 18.08
C THR A 76 -41.40 -2.63 18.50
N THR A 77 -42.33 -1.85 19.08
CA THR A 77 -42.00 -0.52 19.58
C THR A 77 -41.99 -0.46 21.12
N LEU A 78 -40.96 0.18 21.68
CA LEU A 78 -40.86 0.41 23.13
C LEU A 78 -40.64 1.90 23.33
N HIS A 79 -41.15 2.46 24.42
CA HIS A 79 -41.02 3.90 24.65
C HIS A 79 -41.00 4.23 26.14
N PHE A 80 -39.92 4.85 26.60
CA PHE A 80 -39.76 5.15 28.03
C PHE A 80 -39.39 6.59 28.26
N HIS A 81 -39.97 7.17 29.30
CA HIS A 81 -39.55 8.47 29.79
C HIS A 81 -38.55 8.20 30.90
N VAL A 82 -37.47 8.98 30.93
CA VAL A 82 -36.33 8.60 31.77
C VAL A 82 -36.02 9.63 32.85
N GLU A 83 -35.85 9.13 34.07
CA GLU A 83 -35.44 9.99 35.17
C GLU A 83 -33.96 10.36 35.04
N PRO A 84 -33.65 11.65 35.14
CA PRO A 84 -32.27 12.15 35.08
C PRO A 84 -31.41 11.43 36.11
N PHE A 85 -30.24 10.96 35.70
CA PHE A 85 -29.36 10.24 36.63
C PHE A 85 -28.88 11.20 37.72
N VAL A 86 -28.41 10.64 38.83
CA VAL A 86 -27.91 11.48 39.93
C VAL A 86 -26.82 12.43 39.44
N GLY A 87 -27.00 13.71 39.70
CA GLY A 87 -26.01 14.72 39.36
C GLY A 87 -26.06 15.20 37.92
N ALA A 88 -27.02 14.68 37.15
CA ALA A 88 -27.17 15.05 35.74
C ALA A 88 -27.36 16.55 35.57
N ASN A 89 -26.81 17.08 34.49
CA ASN A 89 -27.01 18.48 34.12
C ASN A 89 -28.25 18.65 33.24
N LEU A 90 -28.96 19.78 33.38
CA LEU A 90 -30.12 20.05 32.54
C LEU A 90 -30.00 21.41 31.87
N GLN A 91 -29.69 21.43 30.58
CA GLN A 91 -29.58 22.69 29.85
C GLN A 91 -30.97 23.18 29.46
N PRO A 92 -31.30 24.44 29.80
CA PRO A 92 -32.61 25.03 29.51
C PRO A 92 -32.92 25.09 28.01
N GLU A 93 -31.89 25.34 27.21
CA GLU A 93 -32.08 25.44 25.76
C GLU A 93 -32.54 24.11 25.19
N ALA A 94 -32.09 23.01 25.80
CA ALA A 94 -32.49 21.68 25.35
C ALA A 94 -33.96 21.46 25.70
N LEU A 95 -34.33 21.81 26.94
CA LEU A 95 -35.71 21.73 27.38
C LEU A 95 -36.63 22.56 26.48
N ALA A 96 -36.19 23.76 26.12
CA ALA A 96 -36.98 24.63 25.26
C ALA A 96 -37.18 23.96 23.90
N PHE A 97 -36.13 23.30 23.43
CA PHE A 97 -36.13 22.68 22.12
C PHE A 97 -37.05 21.47 22.07
N ASN A 98 -36.89 20.55 23.01
CA ASN A 98 -37.66 19.30 22.97
C ASN A 98 -39.01 19.36 23.68
N GLY A 99 -39.26 20.45 24.40
CA GLY A 99 -40.54 20.69 25.04
C GLY A 99 -40.79 19.88 26.30
N ILE A 100 -39.73 19.27 26.82
CA ILE A 100 -39.88 18.37 27.96
C ILE A 100 -39.74 19.07 29.30
N ASP A 101 -40.70 18.82 30.19
CA ASP A 101 -40.61 19.27 31.57
C ASP A 101 -40.28 18.07 32.46
N PRO A 102 -39.04 17.99 32.94
CA PRO A 102 -38.58 16.87 33.77
C PRO A 102 -39.41 16.69 35.04
N ASN A 103 -40.23 17.68 35.40
CA ASN A 103 -41.06 17.57 36.60
C ASN A 103 -42.57 17.46 36.34
N ASP A 104 -42.94 17.22 35.08
CA ASP A 104 -44.32 16.94 34.74
C ASP A 104 -44.75 15.64 35.42
N PRO A 105 -45.85 15.70 36.18
CA PRO A 105 -46.35 14.48 36.84
C PRO A 105 -46.76 13.41 35.84
N ASP A 106 -47.14 13.81 34.63
CA ASP A 106 -47.59 12.85 33.63
C ASP A 106 -46.45 12.12 32.91
N ARG A 107 -45.21 12.47 33.22
CA ARG A 107 -44.07 11.86 32.54
C ARG A 107 -44.01 10.34 32.72
N GLY A 108 -44.38 9.87 33.90
CA GLY A 108 -44.27 8.45 34.19
C GLY A 108 -42.85 7.98 33.97
N ALA A 109 -41.90 8.84 34.37
CA ALA A 109 -40.48 8.55 34.18
C ALA A 109 -40.02 7.34 34.97
N VAL A 110 -39.15 6.53 34.35
CA VAL A 110 -38.50 5.42 35.02
C VAL A 110 -36.99 5.65 35.03
N SER A 111 -36.27 4.87 35.83
CA SER A 111 -34.82 5.02 35.91
C SER A 111 -34.15 4.51 34.65
N GLU A 112 -32.95 5.00 34.38
CA GLU A 112 -32.19 4.56 33.22
C GLU A 112 -32.12 3.06 33.16
N TYR A 113 -31.90 2.44 34.32
CA TYR A 113 -31.83 0.99 34.40
C TYR A 113 -33.12 0.30 33.97
N GLU A 114 -34.26 0.76 34.48
CA GLU A 114 -35.51 0.12 34.10
C GLU A 114 -35.71 0.23 32.59
N ALA A 115 -35.54 1.43 32.06
CA ALA A 115 -35.77 1.64 30.63
C ALA A 115 -34.85 0.77 29.76
N LEU A 116 -33.54 0.83 30.01
CA LEU A 116 -32.59 0.10 29.18
C LEU A 116 -32.68 -1.42 29.38
N HIS A 117 -32.97 -1.85 30.61
CA HIS A 117 -33.16 -3.27 30.87
C HIS A 117 -34.33 -3.83 30.07
N GLU A 118 -35.42 -3.08 29.98
CA GLU A 118 -36.57 -3.53 29.22
C GLU A 118 -36.27 -3.53 27.71
N ILE A 119 -35.65 -2.44 27.25
CA ILE A 119 -35.22 -2.36 25.85
C ILE A 119 -34.25 -3.50 25.53
N PHE A 120 -33.24 -3.69 26.38
CA PHE A 120 -32.23 -4.72 26.13
C PHE A 120 -32.84 -6.11 26.11
N LYS A 121 -33.80 -6.35 27.00
CA LYS A 121 -34.44 -7.66 27.09
C LYS A 121 -35.15 -8.03 25.78
N VAL A 122 -35.96 -7.10 25.29
CA VAL A 122 -36.74 -7.32 24.09
C VAL A 122 -35.85 -7.45 22.86
N VAL A 123 -34.72 -6.73 22.85
CA VAL A 123 -33.76 -6.80 21.75
C VAL A 123 -33.02 -8.14 21.74
N ARG A 124 -32.61 -8.60 22.92
CA ARG A 124 -31.98 -9.91 23.03
C ARG A 124 -32.93 -11.03 22.60
N LYS A 125 -34.21 -10.91 22.92
CA LYS A 125 -35.19 -11.88 22.46
C LYS A 125 -35.28 -11.84 20.93
N GLY A 126 -35.30 -10.65 20.36
CA GLY A 126 -35.41 -10.50 18.92
C GLY A 126 -34.21 -11.09 18.19
N ILE A 127 -33.03 -10.83 18.73
CA ILE A 127 -31.80 -11.39 18.18
C ILE A 127 -31.87 -12.92 18.11
N LYS A 128 -32.18 -13.54 19.25
CA LYS A 128 -32.25 -14.99 19.32
C LYS A 128 -33.33 -15.57 18.42
N ALA A 129 -34.51 -14.95 18.43
CA ALA A 129 -35.63 -15.39 17.61
C ALA A 129 -35.37 -15.29 16.10
N SER A 130 -34.61 -14.28 15.69
CA SER A 130 -34.32 -14.06 14.27
C SER A 130 -33.05 -14.76 13.80
N GLY A 131 -32.24 -15.22 14.74
CA GLY A 131 -31.01 -15.91 14.40
C GLY A 131 -29.85 -14.96 14.14
N CYS A 132 -29.95 -13.74 14.68
CA CYS A 132 -28.85 -12.78 14.58
C CYS A 132 -27.84 -13.01 15.70
N ASN A 133 -26.75 -12.24 15.68
CA ASN A 133 -25.68 -12.39 16.65
C ASN A 133 -25.52 -11.16 17.53
N ARG A 134 -25.79 -9.98 16.96
CA ARG A 134 -25.63 -8.72 17.68
C ARG A 134 -26.68 -7.73 17.18
N ALA A 135 -26.97 -6.70 17.97
CA ALA A 135 -27.83 -5.62 17.53
C ALA A 135 -26.98 -4.46 17.05
N ILE A 136 -27.50 -3.69 16.10
CA ILE A 136 -26.84 -2.46 15.68
C ILE A 136 -27.86 -1.33 15.70
N MET A 137 -27.45 -0.20 16.29
CA MET A 137 -28.35 0.93 16.44
C MET A 137 -28.51 1.65 15.11
N VAL A 138 -29.77 1.83 14.72
CA VAL A 138 -30.12 2.68 13.60
C VAL A 138 -30.59 4.00 14.21
N ALA A 139 -29.97 5.11 13.82
CA ALA A 139 -30.35 6.40 14.37
C ALA A 139 -29.91 7.54 13.46
N HIS A 140 -30.51 8.71 13.62
CA HIS A 140 -30.23 9.84 12.73
C HIS A 140 -29.13 10.75 13.29
N ASN A 141 -27.97 10.75 12.64
CA ASN A 141 -26.72 11.25 13.22
C ASN A 141 -26.42 10.38 14.43
N ALA A 142 -26.33 9.08 14.16
CA ALA A 142 -26.42 8.03 15.15
C ALA A 142 -25.37 8.07 16.28
N ASN A 143 -24.23 8.69 16.04
CA ASN A 143 -23.26 8.80 17.12
C ASN A 143 -23.87 9.45 18.36
N PHE A 144 -24.80 10.38 18.13
CA PHE A 144 -25.42 11.11 19.23
C PHE A 144 -26.18 10.15 20.14
N ASP A 145 -27.15 9.45 19.57
CA ASP A 145 -27.98 8.54 20.34
C ASP A 145 -27.17 7.39 20.90
N HIS A 146 -26.22 6.89 20.11
CA HIS A 146 -25.36 5.80 20.57
C HIS A 146 -24.56 6.22 21.81
N SER A 147 -24.03 7.44 21.80
CA SER A 147 -23.26 7.92 22.94
C SER A 147 -24.12 7.99 24.21
N PHE A 148 -25.31 8.56 24.11
CA PHE A 148 -26.20 8.67 25.27
C PHE A 148 -26.66 7.31 25.76
N MET A 149 -27.05 6.44 24.83
CA MET A 149 -27.46 5.10 25.23
C MET A 149 -26.31 4.35 25.93
N MET A 150 -25.09 4.52 25.43
CA MET A 150 -23.94 3.81 26.01
C MET A 150 -23.58 4.39 27.37
N ALA A 151 -23.57 5.72 27.45
CA ALA A 151 -23.27 6.41 28.70
C ALA A 151 -24.24 5.96 29.78
N ALA A 152 -25.53 6.04 29.49
CA ALA A 152 -26.58 5.58 30.40
C ALA A 152 -26.43 4.11 30.78
N ALA A 153 -26.09 3.25 29.81
CA ALA A 153 -25.94 1.83 30.10
C ALA A 153 -24.76 1.59 31.04
N GLU A 154 -23.78 2.49 30.96
CA GLU A 154 -22.58 2.38 31.79
C GLU A 154 -22.93 2.80 33.22
N ARG A 155 -23.58 3.95 33.35
CA ARG A 155 -23.99 4.46 34.65
C ARG A 155 -24.83 3.43 35.42
N ALA A 156 -25.72 2.75 34.70
CA ALA A 156 -26.62 1.80 35.33
C ALA A 156 -26.00 0.42 35.38
N SER A 157 -24.76 0.32 34.94
CA SER A 157 -24.03 -0.94 34.95
C SER A 157 -24.89 -2.07 34.41
N LEU A 158 -25.55 -1.81 33.28
CA LEU A 158 -26.29 -2.86 32.60
C LEU A 158 -25.33 -3.86 32.00
N LYS A 159 -25.73 -5.14 32.03
CA LYS A 159 -24.88 -6.22 31.56
C LYS A 159 -25.42 -6.85 30.28
N ARG A 160 -24.52 -7.46 29.53
CA ARG A 160 -24.90 -8.12 28.28
C ARG A 160 -25.65 -7.18 27.34
N ASN A 161 -25.19 -5.93 27.29
CA ASN A 161 -25.65 -4.97 26.30
C ASN A 161 -25.55 -5.58 24.90
N PRO A 162 -26.69 -5.76 24.22
CA PRO A 162 -26.67 -6.45 22.94
C PRO A 162 -26.27 -5.56 21.77
N PHE A 163 -26.08 -4.27 22.02
CA PHE A 163 -25.70 -3.36 20.95
C PHE A 163 -24.20 -3.38 20.68
N HIS A 164 -23.86 -3.31 19.39
CA HIS A 164 -22.47 -3.16 18.99
C HIS A 164 -21.90 -1.94 19.69
N PRO A 165 -20.75 -2.12 20.35
CA PRO A 165 -20.10 -1.08 21.15
C PRO A 165 -19.65 0.15 20.37
N PHE A 166 -19.51 0.07 19.05
CA PHE A 166 -19.12 1.25 18.29
C PHE A 166 -19.72 1.42 16.88
N ALA A 167 -20.23 0.35 16.30
CA ALA A 167 -20.77 0.41 14.94
C ALA A 167 -22.24 0.84 14.96
N THR A 168 -22.63 1.73 14.05
CA THR A 168 -24.02 2.18 13.96
C THR A 168 -24.48 2.16 12.50
N PHE A 169 -25.79 2.31 12.27
CA PHE A 169 -26.31 2.59 10.93
C PHE A 169 -26.91 3.98 10.96
N ASP A 170 -26.14 4.96 10.52
CA ASP A 170 -26.56 6.35 10.52
C ASP A 170 -27.49 6.67 9.35
N THR A 171 -28.75 7.01 9.63
CA THR A 171 -29.71 7.32 8.58
C THR A 171 -29.42 8.65 7.89
N ALA A 172 -28.63 9.52 8.51
CA ALA A 172 -28.19 10.74 7.83
C ALA A 172 -27.26 10.41 6.66
N ALA A 173 -26.26 9.56 6.91
CA ALA A 173 -25.38 9.12 5.83
C ALA A 173 -26.16 8.29 4.79
N LEU A 174 -27.01 7.39 5.27
CA LEU A 174 -27.77 6.55 4.35
C LEU A 174 -28.70 7.37 3.47
N ALA A 175 -29.37 8.36 4.06
CA ALA A 175 -30.25 9.23 3.29
C ALA A 175 -29.44 10.13 2.35
N GLY A 176 -28.24 10.51 2.76
CA GLY A 176 -27.36 11.28 1.89
C GLY A 176 -27.10 10.51 0.61
N LEU A 177 -26.77 9.23 0.75
CA LEU A 177 -26.57 8.35 -0.41
C LEU A 177 -27.85 8.09 -1.21
N ALA A 178 -28.90 7.67 -0.53
CA ALA A 178 -30.11 7.23 -1.24
C ALA A 178 -30.95 8.39 -1.80
N LEU A 179 -30.98 9.51 -1.08
CA LEU A 179 -31.93 10.59 -1.35
C LEU A 179 -31.30 11.96 -1.57
N GLY A 180 -29.99 12.05 -1.40
CA GLY A 180 -29.31 13.32 -1.52
C GLY A 180 -29.71 14.31 -0.43
N GLN A 181 -30.19 13.79 0.70
CA GLN A 181 -30.63 14.63 1.83
C GLN A 181 -30.11 14.07 3.16
N THR A 182 -29.64 14.94 4.05
CA THR A 182 -29.10 14.49 5.34
C THR A 182 -29.95 14.95 6.53
N VAL A 183 -30.78 15.97 6.31
CA VAL A 183 -31.70 16.44 7.35
C VAL A 183 -32.93 15.52 7.42
N LEU A 184 -33.28 15.08 8.63
CA LEU A 184 -34.31 14.05 8.80
C LEU A 184 -35.66 14.43 8.18
N SER A 185 -36.16 15.63 8.48
CA SER A 185 -37.45 16.02 7.93
C SER A 185 -37.40 16.01 6.41
N LYS A 186 -36.32 16.56 5.85
CA LYS A 186 -36.19 16.66 4.41
C LYS A 186 -36.00 15.30 3.76
N ALA A 187 -35.16 14.47 4.36
CA ALA A 187 -34.98 13.10 3.89
C ALA A 187 -36.31 12.39 3.79
N CYS A 188 -37.10 12.48 4.86
CA CYS A 188 -38.40 11.80 4.90
C CYS A 188 -39.33 12.32 3.82
N GLN A 189 -39.45 13.64 3.71
CA GLN A 189 -40.33 14.22 2.70
C GLN A 189 -39.89 13.78 1.30
N THR A 190 -38.60 13.84 1.03
CA THR A 190 -38.06 13.39 -0.26
C THR A 190 -38.46 11.94 -0.54
N ALA A 191 -38.41 11.10 0.48
CA ALA A 191 -38.73 9.68 0.32
C ALA A 191 -40.23 9.44 0.11
N GLY A 192 -41.00 10.51 0.13
CA GLY A 192 -42.44 10.42 -0.05
C GLY A 192 -43.20 10.15 1.23
N MET A 193 -42.57 10.45 2.37
CA MET A 193 -43.21 10.23 3.65
C MET A 193 -43.81 11.53 4.15
N ASP A 194 -44.80 11.41 5.02
CA ASP A 194 -45.29 12.56 5.78
C ASP A 194 -44.25 12.93 6.82
N PHE A 195 -44.09 14.23 7.06
CA PHE A 195 -43.32 14.68 8.20
C PHE A 195 -43.90 15.97 8.75
N ASP A 196 -44.21 15.94 10.05
CA ASP A 196 -44.97 17.00 10.70
C ASP A 196 -44.11 17.70 11.72
N SER A 197 -43.95 19.01 11.56
CA SER A 197 -43.11 19.82 12.45
C SER A 197 -43.64 19.79 13.88
N THR A 198 -44.96 19.68 14.02
CA THR A 198 -45.58 19.71 15.32
C THR A 198 -45.25 18.45 16.12
N GLN A 199 -45.19 17.31 15.46
CA GLN A 199 -44.92 16.04 16.15
C GLN A 199 -43.44 15.79 16.45
N ALA A 200 -42.56 16.51 15.78
CA ALA A 200 -41.12 16.34 16.00
C ALA A 200 -40.77 16.31 17.49
N HIS A 201 -39.76 15.52 17.83
CA HIS A 201 -39.11 15.60 19.15
C HIS A 201 -39.86 14.94 20.31
N SER A 202 -40.95 14.26 20.01
CA SER A 202 -41.31 13.12 20.82
C SER A 202 -40.32 12.08 20.33
N ALA A 203 -39.78 11.31 21.25
CA ALA A 203 -38.90 10.21 20.90
C ALA A 203 -39.66 9.18 20.07
N LEU A 204 -40.95 9.01 20.39
CA LEU A 204 -41.76 8.03 19.68
C LEU A 204 -41.86 8.37 18.21
N TYR A 205 -42.26 9.62 17.93
CA TYR A 205 -42.48 10.06 16.56
C TYR A 205 -41.18 10.13 15.75
N ASP A 206 -40.12 10.64 16.35
CA ASP A 206 -38.83 10.68 15.66
C ASP A 206 -38.34 9.27 15.38
N THR A 207 -38.51 8.38 16.34
CA THR A 207 -38.09 6.99 16.13
C THR A 207 -38.91 6.34 15.02
N GLU A 208 -40.21 6.59 15.00
CA GLU A 208 -41.08 5.95 14.02
C GLU A 208 -40.78 6.43 12.60
N ARG A 209 -40.62 7.73 12.42
CA ARG A 209 -40.25 8.26 11.11
C ARG A 209 -38.86 7.76 10.67
N THR A 210 -37.95 7.66 11.63
CA THR A 210 -36.59 7.19 11.32
C THR A 210 -36.60 5.71 10.90
N ALA A 211 -37.42 4.89 11.56
CA ALA A 211 -37.57 3.49 11.18
C ALA A 211 -38.18 3.35 9.78
N VAL A 212 -39.23 4.11 9.51
CA VAL A 212 -39.90 4.03 8.22
C VAL A 212 -38.92 4.49 7.14
N LEU A 213 -38.19 5.58 7.42
CA LEU A 213 -37.15 6.07 6.51
C LEU A 213 -36.09 5.01 6.19
N PHE A 214 -35.53 4.40 7.24
CA PHE A 214 -34.49 3.39 7.06
C PHE A 214 -35.01 2.21 6.27
N CYS A 215 -36.21 1.73 6.60
CA CYS A 215 -36.79 0.61 5.86
C CYS A 215 -37.02 0.95 4.39
N GLU A 216 -37.46 2.17 4.12
CA GLU A 216 -37.67 2.63 2.75
C GLU A 216 -36.37 2.66 1.97
N ILE A 217 -35.29 3.08 2.63
CA ILE A 217 -34.01 3.11 1.95
C ILE A 217 -33.56 1.70 1.60
N VAL A 218 -33.66 0.80 2.56
CA VAL A 218 -33.26 -0.59 2.32
C VAL A 218 -34.16 -1.21 1.24
N ASN A 219 -35.47 -1.01 1.39
CA ASN A 219 -36.42 -1.56 0.42
C ASN A 219 -36.22 -1.01 -1.00
N ARG A 220 -35.93 0.29 -1.10
CA ARG A 220 -35.66 0.92 -2.39
C ARG A 220 -34.46 0.26 -3.08
N TRP A 221 -33.41 0.00 -2.33
CA TRP A 221 -32.22 -0.60 -2.92
C TRP A 221 -32.56 -1.98 -3.45
N LYS A 222 -33.46 -2.68 -2.76
CA LYS A 222 -33.88 -4.01 -3.20
C LYS A 222 -34.73 -3.88 -4.46
N ARG A 223 -35.70 -2.97 -4.43
CA ARG A 223 -36.56 -2.71 -5.58
C ARG A 223 -35.74 -2.41 -6.84
N LEU A 224 -34.68 -1.63 -6.70
CA LEU A 224 -33.88 -1.23 -7.86
C LEU A 224 -32.95 -2.32 -8.33
N GLY A 225 -32.89 -3.43 -7.60
CA GLY A 225 -32.04 -4.55 -7.99
C GLY A 225 -30.64 -4.50 -7.41
N GLY A 226 -30.42 -3.64 -6.41
CA GLY A 226 -29.11 -3.50 -5.82
C GLY A 226 -28.81 -4.64 -4.86
N TRP A 227 -29.87 -5.28 -4.40
CA TRP A 227 -29.78 -6.41 -3.52
C TRP A 227 -30.89 -7.38 -3.92
N PRO A 228 -30.59 -8.70 -3.87
CA PRO A 228 -29.30 -9.28 -3.52
C PRO A 228 -28.24 -9.01 -4.57
N LEU A 229 -26.99 -9.31 -4.26
CA LEU A 229 -25.89 -9.09 -5.19
C LEU A 229 -25.89 -10.18 -6.25
N SER A 230 -25.14 -9.96 -7.33
CA SER A 230 -24.96 -10.97 -8.38
C SER A 230 -23.98 -12.04 -7.92
N ALA A 231 -23.80 -13.06 -8.75
CA ALA A 231 -22.93 -14.18 -8.39
C ALA A 231 -21.46 -13.78 -8.27
N ALA A 232 -21.03 -12.87 -9.14
CA ALA A 232 -19.62 -12.46 -9.17
C ALA A 232 -19.22 -11.80 -7.87
N GLU A 233 -20.19 -11.18 -7.20
CA GLU A 233 -19.93 -10.41 -5.99
C GLU A 233 -19.90 -11.29 -4.74
N GLU A 234 -19.93 -12.60 -4.94
CA GLU A 234 -19.87 -13.54 -3.83
C GLU A 234 -18.41 -13.88 -3.52
N VAL A 235 -17.98 -13.59 -2.30
CA VAL A 235 -16.61 -13.88 -1.88
C VAL A 235 -16.61 -14.89 -0.72
N ASN B 24 -13.22 22.22 -14.14
CA ASN B 24 -13.92 23.33 -13.50
C ASN B 24 -14.97 22.83 -12.49
N ALA B 25 -14.54 22.64 -11.24
CA ALA B 25 -15.36 22.01 -10.22
C ALA B 25 -16.75 22.61 -10.07
N GLN B 26 -16.84 23.94 -10.13
CA GLN B 26 -18.13 24.62 -10.05
C GLN B 26 -19.11 24.02 -11.06
N LEU B 27 -18.57 23.49 -12.15
CA LEU B 27 -19.39 23.01 -13.26
C LEU B 27 -19.80 21.54 -13.15
N THR B 28 -19.22 20.82 -12.21
CA THR B 28 -19.60 19.42 -11.98
C THR B 28 -20.73 19.35 -10.97
N GLY B 29 -21.33 18.17 -10.83
CA GLY B 29 -22.43 18.00 -9.90
C GLY B 29 -22.02 17.72 -8.47
N LEU B 30 -20.73 17.84 -8.17
CA LEU B 30 -20.26 17.51 -6.83
C LEU B 30 -21.09 18.20 -5.73
N CYS B 31 -21.30 19.51 -5.89
CA CYS B 31 -22.01 20.31 -4.89
C CYS B 31 -23.50 20.01 -4.82
N ASP B 32 -24.02 19.37 -5.87
CA ASP B 32 -25.45 19.08 -5.94
C ASP B 32 -25.79 17.71 -5.37
N ARG B 33 -24.79 16.85 -5.26
CA ARG B 33 -25.02 15.47 -4.90
C ARG B 33 -25.36 15.29 -3.42
N PHE B 34 -24.68 16.03 -2.56
CA PHE B 34 -24.90 15.89 -1.12
C PHE B 34 -25.32 17.21 -0.44
N ARG B 35 -26.31 17.88 -1.03
CA ARG B 35 -26.80 19.18 -0.56
C ARG B 35 -25.71 20.17 -0.16
N GLY B 36 -24.65 20.25 -0.96
CA GLY B 36 -23.57 21.19 -0.70
C GLY B 36 -22.49 20.71 0.26
N PHE B 37 -22.58 19.46 0.71
CA PHE B 37 -21.50 18.89 1.52
C PHE B 37 -20.37 18.39 0.61
N TYR B 38 -19.14 18.74 0.98
CA TYR B 38 -17.95 18.36 0.24
C TYR B 38 -17.29 17.18 0.95
N PRO B 39 -17.42 15.97 0.38
CA PRO B 39 -16.99 14.74 1.05
C PRO B 39 -15.48 14.58 1.07
N VAL B 40 -14.92 14.40 2.25
CA VAL B 40 -13.47 14.17 2.35
C VAL B 40 -13.24 12.90 3.13
N VAL B 41 -12.53 11.96 2.53
CA VAL B 41 -12.25 10.69 3.16
C VAL B 41 -11.07 10.84 4.13
N ILE B 42 -11.23 10.28 5.32
CA ILE B 42 -10.21 10.42 6.37
C ILE B 42 -9.97 9.09 7.05
N ASP B 43 -8.70 8.75 7.24
CA ASP B 43 -8.35 7.68 8.17
C ASP B 43 -7.28 8.19 9.11
N VAL B 44 -7.39 7.84 10.39
CA VAL B 44 -6.35 8.17 11.37
C VAL B 44 -5.77 6.88 11.97
N GLU B 45 -4.49 6.92 12.33
CA GLU B 45 -3.92 5.89 13.18
C GLU B 45 -3.59 6.51 14.51
N THR B 46 -3.72 5.74 15.58
CA THR B 46 -3.70 6.30 16.92
C THR B 46 -2.95 5.40 17.87
N ALA B 47 -2.70 5.91 19.08
CA ALA B 47 -2.06 5.11 20.11
C ALA B 47 -3.07 4.57 21.12
N GLY B 48 -4.30 4.34 20.67
CA GLY B 48 -5.37 3.86 21.53
C GLY B 48 -6.74 4.28 21.05
N PHE B 49 -7.76 3.99 21.84
CA PHE B 49 -9.15 4.20 21.42
C PHE B 49 -9.81 5.50 21.92
N ASN B 50 -9.14 6.22 22.83
CA ASN B 50 -9.76 7.40 23.44
C ASN B 50 -9.26 8.69 22.81
N ALA B 51 -10.13 9.37 22.08
CA ALA B 51 -9.70 10.55 21.32
C ALA B 51 -9.15 11.66 22.22
N LYS B 52 -9.56 11.66 23.48
CA LYS B 52 -9.22 12.77 24.37
C LYS B 52 -7.87 12.59 25.06
N THR B 53 -7.42 11.34 25.17
CA THR B 53 -6.23 11.04 25.95
C THR B 53 -5.13 10.28 25.19
N ASP B 54 -5.51 9.58 24.12
CA ASP B 54 -4.56 8.79 23.35
C ASP B 54 -4.02 9.55 22.14
N ALA B 55 -2.73 9.38 21.83
CA ALA B 55 -2.12 10.19 20.79
C ALA B 55 -2.69 9.92 19.40
N LEU B 56 -2.84 10.98 18.61
CA LEU B 56 -3.04 10.86 17.17
C LEU B 56 -1.65 10.72 16.55
N LEU B 57 -1.44 9.67 15.76
CA LEU B 57 -0.11 9.37 15.24
C LEU B 57 0.03 9.54 13.72
N GLU B 58 -1.10 9.54 13.02
CA GLU B 58 -1.06 9.55 11.56
C GLU B 58 -2.44 9.88 11.01
N ILE B 59 -2.48 10.63 9.91
CA ILE B 59 -3.73 10.99 9.27
C ILE B 59 -3.54 11.12 7.77
N ALA B 60 -4.52 10.61 7.01
CA ALA B 60 -4.54 10.84 5.58
C ALA B 60 -5.93 11.32 5.18
N ALA B 61 -5.97 12.11 4.12
CA ALA B 61 -7.20 12.73 3.68
C ALA B 61 -7.24 12.70 2.16
N ILE B 62 -8.40 12.37 1.62
CA ILE B 62 -8.57 12.35 0.18
C ILE B 62 -9.86 13.09 -0.18
N THR B 63 -9.71 14.17 -0.92
CA THR B 63 -10.89 14.88 -1.39
C THR B 63 -11.40 14.14 -2.62
N LEU B 64 -12.66 14.38 -2.97
CA LEU B 64 -13.27 13.70 -4.11
C LEU B 64 -13.67 14.69 -5.20
N LYS B 65 -13.82 14.19 -6.43
CA LYS B 65 -14.34 15.00 -7.51
C LYS B 65 -15.31 14.18 -8.35
N MET B 66 -16.12 14.87 -9.14
CA MET B 66 -17.08 14.20 -10.02
C MET B 66 -16.66 14.44 -11.47
N ASP B 67 -16.49 13.37 -12.24
CA ASP B 67 -16.05 13.52 -13.62
C ASP B 67 -17.18 13.97 -14.55
N GLU B 68 -16.91 13.99 -15.85
CA GLU B 68 -17.87 14.46 -16.84
C GLU B 68 -19.17 13.66 -16.87
N GLN B 69 -19.07 12.34 -16.67
CA GLN B 69 -20.25 11.49 -16.70
C GLN B 69 -20.98 11.47 -15.37
N GLY B 70 -20.48 12.22 -14.39
CA GLY B 70 -21.10 12.27 -13.08
C GLY B 70 -20.65 11.18 -12.13
N TRP B 71 -19.54 10.53 -12.46
CA TRP B 71 -18.97 9.52 -11.58
C TRP B 71 -18.06 10.17 -10.53
N LEU B 72 -18.17 9.72 -9.29
CA LEU B 72 -17.30 10.17 -8.21
C LEU B 72 -15.95 9.46 -8.25
N MET B 73 -14.87 10.18 -7.95
CA MET B 73 -13.53 9.60 -7.91
C MET B 73 -12.63 10.44 -7.02
N PRO B 74 -11.54 9.85 -6.51
CA PRO B 74 -10.60 10.60 -5.68
C PRO B 74 -10.00 11.77 -6.43
N ASP B 75 -9.65 12.82 -5.68
CA ASP B 75 -9.11 14.03 -6.28
C ASP B 75 -7.73 14.25 -5.67
N THR B 76 -7.67 15.00 -4.58
CA THR B 76 -6.38 15.27 -3.90
C THR B 76 -6.13 14.36 -2.69
N THR B 77 -4.89 13.87 -2.59
CA THR B 77 -4.48 13.09 -1.42
C THR B 77 -3.44 13.82 -0.56
N LEU B 78 -3.69 13.86 0.75
CA LEU B 78 -2.74 14.41 1.73
C LEU B 78 -2.41 13.32 2.75
N HIS B 79 -1.17 13.34 3.26
CA HIS B 79 -0.76 12.32 4.21
C HIS B 79 0.29 12.85 5.17
N PHE B 80 -0.01 12.77 6.46
CA PHE B 80 0.86 13.34 7.49
C PHE B 80 1.11 12.36 8.62
N HIS B 81 2.36 12.30 9.07
CA HIS B 81 2.69 11.62 10.30
C HIS B 81 2.67 12.65 11.42
N VAL B 82 2.05 12.27 12.54
CA VAL B 82 1.73 13.24 13.58
C VAL B 82 2.49 13.00 14.87
N GLU B 83 3.04 14.08 15.44
CA GLU B 83 3.72 13.99 16.73
C GLU B 83 2.68 13.90 17.84
N PRO B 84 2.86 12.97 18.78
CA PRO B 84 1.92 12.84 19.89
C PRO B 84 1.80 14.15 20.64
N PHE B 85 0.58 14.55 21.00
CA PHE B 85 0.40 15.83 21.69
C PHE B 85 0.98 15.78 23.11
N VAL B 86 1.21 16.97 23.68
CA VAL B 86 1.73 17.09 25.05
C VAL B 86 0.86 16.30 26.03
N GLY B 87 1.44 15.29 26.67
CA GLY B 87 0.75 14.52 27.68
C GLY B 87 0.00 13.30 27.17
N ALA B 88 -0.01 13.13 25.86
CA ALA B 88 -0.71 12.00 25.22
C ALA B 88 -0.27 10.63 25.74
N ASN B 89 -1.22 9.72 25.87
CA ASN B 89 -0.93 8.33 26.21
C ASN B 89 -0.58 7.52 24.97
N LEU B 90 0.14 6.42 25.16
CA LEU B 90 0.43 5.52 24.06
C LEU B 90 0.30 4.07 24.51
N GLN B 91 -0.76 3.41 24.06
CA GLN B 91 -1.01 2.01 24.40
C GLN B 91 -0.20 1.08 23.51
N PRO B 92 0.57 0.16 24.11
CA PRO B 92 1.44 -0.79 23.39
C PRO B 92 0.66 -1.68 22.42
N GLU B 93 -0.53 -2.10 22.82
CA GLU B 93 -1.40 -2.89 21.96
C GLU B 93 -1.78 -2.14 20.69
N ALA B 94 -1.99 -0.83 20.82
CA ALA B 94 -2.30 -0.01 19.65
C ALA B 94 -1.11 0.02 18.69
N LEU B 95 0.06 0.34 19.23
CA LEU B 95 1.29 0.36 18.43
C LEU B 95 1.59 -0.99 17.80
N ALA B 96 1.32 -2.07 18.54
CA ALA B 96 1.53 -3.40 18.00
C ALA B 96 0.59 -3.63 16.83
N PHE B 97 -0.61 -3.05 16.92
CA PHE B 97 -1.63 -3.24 15.90
C PHE B 97 -1.31 -2.47 14.62
N ASN B 98 -1.02 -1.17 14.75
CA ASN B 98 -0.72 -0.37 13.57
C ASN B 98 0.77 -0.39 13.18
N GLY B 99 1.60 -1.00 14.01
CA GLY B 99 3.01 -1.17 13.69
C GLY B 99 3.79 0.12 13.62
N ILE B 100 3.27 1.14 14.28
CA ILE B 100 3.92 2.45 14.27
C ILE B 100 4.87 2.60 15.45
N ASP B 101 6.08 3.10 15.18
CA ASP B 101 7.02 3.48 16.23
C ASP B 101 7.17 5.00 16.28
N PRO B 102 6.57 5.63 17.30
CA PRO B 102 6.54 7.09 17.42
C PRO B 102 7.94 7.70 17.42
N ASN B 103 8.96 6.89 17.71
CA ASN B 103 10.32 7.40 17.78
C ASN B 103 11.19 6.97 16.58
N ASP B 104 10.54 6.58 15.50
CA ASP B 104 11.26 6.23 14.28
C ASP B 104 11.75 7.49 13.60
N PRO B 105 13.03 7.52 13.22
CA PRO B 105 13.61 8.71 12.59
C PRO B 105 12.91 9.03 11.27
N ASP B 106 12.56 7.99 10.52
CA ASP B 106 11.95 8.17 9.20
C ASP B 106 10.48 8.56 9.27
N ARG B 107 9.96 8.79 10.48
CA ARG B 107 8.55 9.15 10.63
C ARG B 107 8.19 10.47 9.96
N GLY B 108 9.11 11.43 9.97
CA GLY B 108 8.83 12.76 9.47
C GLY B 108 7.62 13.38 10.16
N ALA B 109 7.47 13.09 11.45
CA ALA B 109 6.31 13.57 12.21
C ALA B 109 6.22 15.11 12.29
N VAL B 110 5.02 15.64 12.08
CA VAL B 110 4.77 17.06 12.26
C VAL B 110 3.74 17.25 13.38
N SER B 111 3.53 18.49 13.79
CA SER B 111 2.60 18.76 14.88
C SER B 111 1.15 18.62 14.40
N GLU B 112 0.26 18.32 15.34
CA GLU B 112 -1.16 18.26 15.04
C GLU B 112 -1.57 19.51 14.30
N TYR B 113 -1.05 20.66 14.74
CA TYR B 113 -1.36 21.92 14.08
C TYR B 113 -0.99 21.94 12.61
N GLU B 114 0.26 21.64 12.28
CA GLU B 114 0.66 21.74 10.88
C GLU B 114 -0.10 20.76 9.99
N ALA B 115 -0.28 19.53 10.47
CA ALA B 115 -1.00 18.52 9.69
C ALA B 115 -2.44 18.97 9.42
N LEU B 116 -3.17 19.30 10.47
CA LEU B 116 -4.56 19.71 10.30
C LEU B 116 -4.68 21.04 9.54
N HIS B 117 -3.75 21.97 9.78
CA HIS B 117 -3.78 23.24 9.06
C HIS B 117 -3.64 23.04 7.56
N GLU B 118 -2.80 22.09 7.16
CA GLU B 118 -2.59 21.86 5.74
C GLU B 118 -3.80 21.16 5.13
N ILE B 119 -4.34 20.17 5.84
CA ILE B 119 -5.55 19.47 5.41
C ILE B 119 -6.71 20.46 5.30
N PHE B 120 -6.87 21.31 6.32
CA PHE B 120 -7.97 22.26 6.33
C PHE B 120 -7.87 23.26 5.19
N LYS B 121 -6.65 23.65 4.84
CA LYS B 121 -6.45 24.60 3.75
C LYS B 121 -6.90 24.04 2.41
N VAL B 122 -6.45 22.82 2.11
CA VAL B 122 -6.81 22.16 0.87
C VAL B 122 -8.31 21.91 0.78
N VAL B 123 -8.90 21.49 1.91
CA VAL B 123 -10.32 21.22 1.95
C VAL B 123 -11.16 22.48 1.72
N ARG B 124 -10.77 23.59 2.37
CA ARG B 124 -11.44 24.87 2.13
C ARG B 124 -11.33 25.30 0.68
N LYS B 125 -10.18 25.05 0.08
CA LYS B 125 -9.97 25.40 -1.33
C LYS B 125 -10.90 24.60 -2.22
N GLY B 126 -10.96 23.30 -1.96
CA GLY B 126 -11.86 22.42 -2.70
C GLY B 126 -13.31 22.81 -2.51
N ILE B 127 -13.67 23.22 -1.30
CA ILE B 127 -15.05 23.64 -1.01
C ILE B 127 -15.43 24.85 -1.85
N LYS B 128 -14.56 25.85 -1.85
CA LYS B 128 -14.79 27.08 -2.60
C LYS B 128 -14.79 26.84 -4.10
N ALA B 129 -13.82 26.05 -4.56
CA ALA B 129 -13.69 25.74 -5.99
C ALA B 129 -14.89 24.96 -6.53
N SER B 130 -15.50 24.13 -5.68
CA SER B 130 -16.59 23.24 -6.10
C SER B 130 -17.97 23.85 -5.88
N GLY B 131 -18.03 24.95 -5.16
CA GLY B 131 -19.31 25.57 -4.84
C GLY B 131 -20.05 24.86 -3.72
N CYS B 132 -19.32 24.17 -2.85
CA CYS B 132 -19.93 23.59 -1.66
C CYS B 132 -19.95 24.62 -0.54
N ASN B 133 -20.47 24.23 0.61
CA ASN B 133 -20.54 25.14 1.76
C ASN B 133 -19.82 24.62 3.01
N ARG B 134 -19.66 23.31 3.11
CA ARG B 134 -18.76 22.75 4.12
C ARG B 134 -18.42 21.30 3.85
N ALA B 135 -17.46 20.77 4.60
CA ALA B 135 -16.97 19.43 4.36
C ALA B 135 -17.67 18.44 5.25
N ILE B 136 -17.76 17.20 4.78
CA ILE B 136 -18.25 16.12 5.61
C ILE B 136 -17.24 14.98 5.55
N MET B 137 -16.88 14.46 6.71
CA MET B 137 -15.91 13.38 6.79
C MET B 137 -16.52 12.05 6.36
N VAL B 138 -15.87 11.42 5.38
CA VAL B 138 -16.16 10.05 5.02
C VAL B 138 -15.12 9.17 5.72
N ALA B 139 -15.58 8.21 6.52
CA ALA B 139 -14.65 7.34 7.21
C ALA B 139 -15.30 6.00 7.58
N HIS B 140 -14.48 5.00 7.87
CA HIS B 140 -15.02 3.67 8.18
C HIS B 140 -15.18 3.49 9.68
N ASN B 141 -16.44 3.38 10.12
CA ASN B 141 -16.84 3.60 11.51
C ASN B 141 -16.47 5.03 11.87
N ALA B 142 -17.09 5.95 11.14
CA ALA B 142 -16.63 7.33 11.06
C ALA B 142 -16.58 8.07 12.40
N ASN B 143 -17.37 7.63 13.37
CA ASN B 143 -17.28 8.33 14.66
C ASN B 143 -15.88 8.28 15.26
N PHE B 144 -15.15 7.20 14.97
CA PHE B 144 -13.79 7.04 15.48
C PHE B 144 -12.86 8.16 14.98
N ASP B 145 -12.72 8.26 13.67
CA ASP B 145 -11.82 9.24 13.06
C ASP B 145 -12.30 10.67 13.31
N HIS B 146 -13.61 10.86 13.28
CA HIS B 146 -14.18 12.19 13.46
C HIS B 146 -13.82 12.72 14.86
N SER B 147 -13.94 11.85 15.87
CA SER B 147 -13.63 12.27 17.22
C SER B 147 -12.12 12.58 17.39
N PHE B 148 -11.26 11.73 16.84
CA PHE B 148 -9.82 12.02 16.93
C PHE B 148 -9.49 13.30 16.20
N MET B 149 -10.09 13.50 15.03
CA MET B 149 -9.80 14.71 14.29
C MET B 149 -10.32 15.96 15.00
N MET B 150 -11.47 15.85 15.65
CA MET B 150 -12.03 17.00 16.35
C MET B 150 -11.23 17.33 17.60
N ALA B 151 -10.80 16.29 18.32
CA ALA B 151 -10.04 16.48 19.55
C ALA B 151 -8.72 17.18 19.26
N ALA B 152 -8.08 16.78 18.16
CA ALA B 152 -6.81 17.39 17.74
C ALA B 152 -6.99 18.82 17.28
N ALA B 153 -8.09 19.08 16.57
CA ALA B 153 -8.36 20.45 16.10
C ALA B 153 -8.59 21.35 17.31
N GLU B 154 -9.20 20.78 18.36
CA GLU B 154 -9.42 21.47 19.61
C GLU B 154 -8.09 21.79 20.28
N ARG B 155 -7.25 20.77 20.38
CA ARG B 155 -5.91 20.90 20.97
C ARG B 155 -5.11 22.03 20.34
N ALA B 156 -5.01 22.02 19.01
CA ALA B 156 -4.15 22.97 18.29
C ALA B 156 -4.84 24.30 18.04
N SER B 157 -6.06 24.43 18.55
CA SER B 157 -6.82 25.67 18.44
C SER B 157 -7.01 26.11 16.98
N LEU B 158 -7.17 25.15 16.07
CA LEU B 158 -7.47 25.51 14.70
C LEU B 158 -8.84 26.14 14.63
N LYS B 159 -8.98 27.18 13.81
CA LYS B 159 -10.30 27.75 13.56
C LYS B 159 -10.67 27.62 12.10
N ARG B 160 -11.91 27.95 11.79
CA ARG B 160 -12.42 27.80 10.44
C ARG B 160 -12.35 26.34 10.01
N ASN B 161 -12.47 25.44 10.98
CA ASN B 161 -12.61 24.01 10.71
C ASN B 161 -13.75 23.78 9.73
N PRO B 162 -13.44 23.30 8.52
CA PRO B 162 -14.42 23.19 7.44
C PRO B 162 -15.31 21.96 7.59
N PHE B 163 -14.98 21.09 8.55
CA PHE B 163 -15.75 19.87 8.74
C PHE B 163 -17.00 20.06 9.58
N HIS B 164 -18.05 19.35 9.20
CA HIS B 164 -19.27 19.34 9.99
C HIS B 164 -18.95 18.84 11.37
N PRO B 165 -19.35 19.61 12.40
CA PRO B 165 -19.05 19.32 13.81
C PRO B 165 -19.63 18.01 14.32
N PHE B 166 -20.67 17.47 13.69
CA PHE B 166 -21.20 16.19 14.16
C PHE B 166 -21.62 15.18 13.09
N ALA B 167 -21.92 15.64 11.89
CA ALA B 167 -22.44 14.73 10.85
C ALA B 167 -21.28 14.07 10.10
N THR B 168 -21.44 12.79 9.79
CA THR B 168 -20.42 12.08 9.01
C THR B 168 -21.07 11.20 7.93
N PHE B 169 -20.25 10.66 7.03
CA PHE B 169 -20.68 9.60 6.12
C PHE B 169 -19.91 8.33 6.48
N ASP B 170 -20.52 7.48 7.29
CA ASP B 170 -19.87 6.25 7.74
C ASP B 170 -19.92 5.18 6.65
N THR B 171 -18.75 4.74 6.16
CA THR B 171 -18.74 3.72 5.09
C THR B 171 -19.14 2.33 5.58
N ALA B 172 -19.06 2.09 6.88
CA ALA B 172 -19.56 0.82 7.41
C ALA B 172 -21.08 0.72 7.23
N ALA B 173 -21.79 1.78 7.59
CA ALA B 173 -23.23 1.80 7.39
C ALA B 173 -23.58 1.74 5.89
N LEU B 174 -22.87 2.53 5.09
CA LEU B 174 -23.13 2.58 3.66
C LEU B 174 -22.86 1.22 3.01
N ALA B 175 -21.78 0.57 3.39
CA ALA B 175 -21.46 -0.76 2.85
C ALA B 175 -22.47 -1.80 3.34
N GLY B 176 -23.00 -1.59 4.54
CA GLY B 176 -23.99 -2.50 5.09
C GLY B 176 -25.23 -2.48 4.21
N LEU B 177 -25.65 -1.28 3.82
CA LEU B 177 -26.74 -1.10 2.87
C LEU B 177 -26.41 -1.62 1.48
N ALA B 178 -25.34 -1.11 0.87
CA ALA B 178 -25.06 -1.44 -0.53
C ALA B 178 -24.57 -2.87 -0.76
N LEU B 179 -23.82 -3.42 0.19
CA LEU B 179 -23.10 -4.67 -0.03
C LEU B 179 -23.38 -5.77 1.00
N GLY B 180 -24.14 -5.44 2.03
CA GLY B 180 -24.43 -6.40 3.08
C GLY B 180 -23.21 -6.75 3.92
N GLN B 181 -22.21 -5.87 3.91
CA GLN B 181 -20.98 -6.07 4.67
C GLN B 181 -20.59 -4.79 5.41
N THR B 182 -20.15 -4.91 6.66
CA THR B 182 -19.74 -3.73 7.43
C THR B 182 -18.23 -3.68 7.69
N VAL B 183 -17.56 -4.82 7.58
CA VAL B 183 -16.10 -4.86 7.79
C VAL B 183 -15.39 -4.34 6.54
N LEU B 184 -14.47 -3.39 6.73
CA LEU B 184 -13.81 -2.72 5.58
C LEU B 184 -13.20 -3.70 4.58
N SER B 185 -12.36 -4.62 5.04
CA SER B 185 -11.71 -5.55 4.11
C SER B 185 -12.74 -6.35 3.30
N LYS B 186 -13.77 -6.83 3.99
CA LYS B 186 -14.82 -7.64 3.36
C LYS B 186 -15.69 -6.82 2.42
N ALA B 187 -16.01 -5.59 2.81
CA ALA B 187 -16.80 -4.72 1.97
C ALA B 187 -16.07 -4.46 0.65
N CYS B 188 -14.79 -4.14 0.75
CA CYS B 188 -14.00 -3.87 -0.44
C CYS B 188 -13.96 -5.10 -1.35
N GLN B 189 -13.66 -6.26 -0.77
CA GLN B 189 -13.64 -7.48 -1.57
C GLN B 189 -14.99 -7.72 -2.26
N THR B 190 -16.07 -7.58 -1.50
CA THR B 190 -17.42 -7.76 -2.04
C THR B 190 -17.73 -6.80 -3.18
N ALA B 191 -17.18 -5.59 -3.09
CA ALA B 191 -17.36 -4.59 -4.13
C ALA B 191 -16.49 -4.88 -5.35
N GLY B 192 -15.64 -5.89 -5.24
CA GLY B 192 -14.76 -6.28 -6.33
C GLY B 192 -13.42 -5.56 -6.35
N MET B 193 -13.05 -4.95 -5.22
CA MET B 193 -11.75 -4.31 -5.10
C MET B 193 -10.74 -5.31 -4.55
N ASP B 194 -9.46 -5.09 -4.81
CA ASP B 194 -8.43 -5.83 -4.09
C ASP B 194 -8.29 -5.24 -2.69
N PHE B 195 -7.98 -6.09 -1.72
CA PHE B 195 -7.69 -5.62 -0.39
C PHE B 195 -6.58 -6.48 0.20
N ASP B 196 -5.52 -5.83 0.64
CA ASP B 196 -4.30 -6.52 1.03
C ASP B 196 -4.06 -6.35 2.51
N SER B 197 -4.06 -7.47 3.23
CA SER B 197 -3.90 -7.46 4.69
C SER B 197 -2.53 -6.95 5.09
N THR B 198 -1.54 -7.11 4.22
CA THR B 198 -0.20 -6.60 4.50
C THR B 198 -0.22 -5.07 4.56
N GLN B 199 -0.90 -4.45 3.58
CA GLN B 199 -0.93 -2.99 3.46
C GLN B 199 -1.79 -2.26 4.52
N ALA B 200 -2.71 -2.96 5.14
CA ALA B 200 -3.29 -2.44 6.38
C ALA B 200 -2.15 -2.54 7.39
N HIS B 201 -1.89 -1.48 8.17
CA HIS B 201 -2.72 -0.29 8.27
C HIS B 201 -1.89 0.99 8.16
N SER B 202 -1.44 1.32 6.96
CA SER B 202 -0.99 2.69 6.73
C SER B 202 -2.26 3.50 6.69
N ALA B 203 -2.19 4.72 7.20
CA ALA B 203 -3.32 5.62 7.06
C ALA B 203 -3.59 5.80 5.56
N LEU B 204 -2.51 5.88 4.77
CA LEU B 204 -2.63 6.14 3.34
C LEU B 204 -3.43 5.06 2.62
N TYR B 205 -3.05 3.80 2.82
CA TYR B 205 -3.72 2.68 2.16
C TYR B 205 -5.19 2.53 2.58
N ASP B 206 -5.45 2.58 3.88
CA ASP B 206 -6.83 2.49 4.36
C ASP B 206 -7.66 3.65 3.83
N THR B 207 -7.07 4.84 3.78
CA THR B 207 -7.83 5.98 3.26
C THR B 207 -8.15 5.80 1.79
N GLU B 208 -7.16 5.31 1.04
CA GLU B 208 -7.36 5.14 -0.39
C GLU B 208 -8.40 4.04 -0.69
N ARG B 209 -8.34 2.94 0.05
CA ARG B 209 -9.35 1.89 -0.11
C ARG B 209 -10.75 2.37 0.31
N THR B 210 -10.82 3.17 1.36
CA THR B 210 -12.09 3.70 1.83
C THR B 210 -12.68 4.71 0.82
N ALA B 211 -11.83 5.54 0.22
CA ALA B 211 -12.26 6.46 -0.81
C ALA B 211 -12.81 5.71 -2.03
N VAL B 212 -12.07 4.70 -2.48
CA VAL B 212 -12.51 3.93 -3.64
C VAL B 212 -13.79 3.18 -3.33
N LEU B 213 -13.87 2.58 -2.14
CA LEU B 213 -15.12 1.94 -1.69
C LEU B 213 -16.32 2.90 -1.69
N PHE B 214 -16.16 4.08 -1.09
CA PHE B 214 -17.24 5.06 -1.01
C PHE B 214 -17.67 5.50 -2.41
N CYS B 215 -16.70 5.78 -3.28
CA CYS B 215 -17.02 6.20 -4.64
C CYS B 215 -17.79 5.10 -5.38
N GLU B 216 -17.37 3.85 -5.18
CA GLU B 216 -18.04 2.71 -5.79
C GLU B 216 -19.47 2.59 -5.32
N ILE B 217 -19.73 2.84 -4.03
CA ILE B 217 -21.09 2.72 -3.54
C ILE B 217 -21.98 3.79 -4.15
N VAL B 218 -21.46 5.01 -4.23
CA VAL B 218 -22.24 6.10 -4.80
C VAL B 218 -22.45 5.88 -6.29
N ASN B 219 -21.39 5.45 -6.97
CA ASN B 219 -21.48 5.22 -8.40
C ASN B 219 -22.44 4.08 -8.73
N ARG B 220 -22.42 3.04 -7.91
CA ARG B 220 -23.32 1.91 -8.12
C ARG B 220 -24.79 2.34 -7.99
N TRP B 221 -25.05 3.23 -7.05
CA TRP B 221 -26.39 3.74 -6.84
C TRP B 221 -26.87 4.49 -8.09
N LYS B 222 -25.95 5.20 -8.72
CA LYS B 222 -26.25 5.95 -9.95
C LYS B 222 -26.44 4.99 -11.10
N ARG B 223 -25.52 4.02 -11.21
CA ARG B 223 -25.59 2.94 -12.18
C ARG B 223 -26.98 2.30 -12.21
N LEU B 224 -27.48 1.93 -11.04
CA LEU B 224 -28.73 1.19 -10.95
C LEU B 224 -29.97 2.06 -11.11
N GLY B 225 -29.78 3.37 -11.24
CA GLY B 225 -30.90 4.27 -11.47
C GLY B 225 -31.53 4.85 -10.21
N GLY B 226 -30.88 4.65 -9.07
CA GLY B 226 -31.35 5.20 -7.81
C GLY B 226 -31.15 6.70 -7.72
N TRP B 227 -30.21 7.21 -8.51
CA TRP B 227 -29.94 8.64 -8.57
C TRP B 227 -29.65 8.99 -10.02
N PRO B 228 -30.11 10.17 -10.48
CA PRO B 228 -30.96 11.14 -9.79
C PRO B 228 -32.34 10.58 -9.46
N LEU B 229 -33.10 11.25 -8.59
CA LEU B 229 -34.46 10.80 -8.28
C LEU B 229 -35.39 11.11 -9.43
N SER B 230 -36.59 10.55 -9.37
CA SER B 230 -37.64 10.83 -10.36
C SER B 230 -38.25 12.21 -10.12
N ALA B 231 -39.12 12.62 -11.03
CA ALA B 231 -39.75 13.95 -10.94
C ALA B 231 -40.60 14.06 -9.67
N ALA B 232 -41.36 13.01 -9.38
CA ALA B 232 -42.28 13.05 -8.24
C ALA B 232 -41.52 13.30 -6.94
N GLU B 233 -40.27 12.86 -6.90
CA GLU B 233 -39.48 12.93 -5.68
C GLU B 233 -38.92 14.33 -5.41
N GLU B 234 -39.35 15.29 -6.23
CA GLU B 234 -39.04 16.69 -5.99
C GLU B 234 -40.03 17.28 -4.99
N VAL B 235 -39.53 17.70 -3.83
CA VAL B 235 -40.39 18.21 -2.76
C VAL B 235 -39.91 19.56 -2.22
N GLY C 29 28.80 -22.40 -30.65
CA GLY C 29 28.01 -22.81 -29.51
C GLY C 29 27.84 -21.69 -28.50
N LEU C 30 28.96 -21.14 -28.03
CA LEU C 30 28.94 -20.06 -27.05
C LEU C 30 28.16 -18.87 -27.56
N CYS C 31 28.13 -18.73 -28.87
CA CYS C 31 27.51 -17.59 -29.54
C CYS C 31 25.97 -17.66 -29.48
N ASP C 32 25.44 -18.87 -29.50
CA ASP C 32 24.00 -19.06 -29.48
C ASP C 32 23.45 -19.08 -28.07
N ARG C 33 24.33 -19.26 -27.09
CA ARG C 33 23.88 -19.44 -25.71
C ARG C 33 23.29 -18.18 -25.09
N PHE C 34 23.92 -17.03 -25.34
CA PHE C 34 23.52 -15.78 -24.70
C PHE C 34 23.20 -14.67 -25.71
N ARG C 35 22.39 -15.03 -26.71
CA ARG C 35 21.93 -14.13 -27.78
C ARG C 35 23.01 -13.21 -28.34
N GLY C 36 24.22 -13.73 -28.51
CA GLY C 36 25.30 -12.99 -29.13
C GLY C 36 26.32 -12.42 -28.16
N PHE C 37 26.00 -12.49 -26.86
CA PHE C 37 26.90 -11.97 -25.83
C PHE C 37 28.04 -12.93 -25.52
N TYR C 38 29.23 -12.35 -25.44
CA TYR C 38 30.46 -13.07 -25.13
C TYR C 38 30.80 -12.77 -23.67
N PRO C 39 30.49 -13.70 -22.77
CA PRO C 39 30.65 -13.49 -21.32
C PRO C 39 32.11 -13.55 -20.89
N VAL C 40 32.57 -12.48 -20.26
CA VAL C 40 33.96 -12.40 -19.79
C VAL C 40 33.92 -12.10 -18.29
N VAL C 41 34.58 -12.94 -17.51
CA VAL C 41 34.58 -12.82 -16.06
C VAL C 41 35.62 -11.82 -15.63
N ILE C 42 35.20 -10.88 -14.79
CA ILE C 42 36.06 -9.78 -14.36
C ILE C 42 36.03 -9.66 -12.84
N ASP C 43 37.19 -9.45 -12.25
CA ASP C 43 37.28 -9.03 -10.85
C ASP C 43 38.26 -7.89 -10.74
N VAL C 44 37.92 -6.94 -9.89
CA VAL C 44 38.70 -5.73 -9.66
C VAL C 44 39.03 -5.57 -8.17
N GLU C 45 40.26 -5.16 -7.85
CA GLU C 45 40.55 -4.69 -6.49
C GLU C 45 40.68 -3.19 -6.55
N THR C 46 40.20 -2.54 -5.49
CA THR C 46 40.08 -1.08 -5.47
C THR C 46 40.61 -0.52 -4.16
N ALA C 47 40.69 0.81 -4.09
CA ALA C 47 41.08 1.50 -2.87
C ALA C 47 39.86 2.17 -2.24
N GLY C 48 38.69 1.62 -2.51
CA GLY C 48 37.45 2.16 -1.95
C GLY C 48 36.23 1.61 -2.66
N PHE C 49 35.06 2.11 -2.29
CA PHE C 49 33.81 1.61 -2.84
C PHE C 49 33.25 2.50 -3.95
N ASN C 50 33.84 3.67 -4.15
CA ASN C 50 33.32 4.64 -5.10
C ASN C 50 34.10 4.64 -6.41
N ALA C 51 33.45 4.25 -7.49
CA ALA C 51 34.13 4.05 -8.77
C ALA C 51 34.64 5.35 -9.38
N LYS C 52 34.02 6.47 -9.03
CA LYS C 52 34.39 7.76 -9.60
C LYS C 52 35.58 8.40 -8.92
N THR C 53 35.81 8.06 -7.64
CA THR C 53 36.79 8.80 -6.84
C THR C 53 37.95 7.95 -6.33
N ASP C 54 37.72 6.65 -6.21
CA ASP C 54 38.70 5.74 -5.60
C ASP C 54 39.51 4.97 -6.65
N ALA C 55 40.77 4.71 -6.33
CA ALA C 55 41.68 4.03 -7.26
C ALA C 55 41.25 2.61 -7.59
N LEU C 56 41.32 2.31 -8.89
CA LEU C 56 41.35 0.93 -9.38
C LEU C 56 42.78 0.42 -9.22
N LEU C 57 42.95 -0.72 -8.55
CA LEU C 57 44.29 -1.19 -8.20
C LEU C 57 44.72 -2.50 -8.85
N GLU C 58 43.74 -3.32 -9.24
CA GLU C 58 44.03 -4.60 -9.86
C GLU C 58 42.82 -5.05 -10.67
N ILE C 59 43.08 -5.74 -11.76
CA ILE C 59 42.00 -6.27 -12.59
C ILE C 59 42.44 -7.59 -13.23
N ALA C 60 41.56 -8.58 -13.23
CA ALA C 60 41.80 -9.84 -13.92
C ALA C 60 40.59 -10.16 -14.79
N ALA C 61 40.85 -10.76 -15.95
CA ALA C 61 39.81 -11.12 -16.89
C ALA C 61 39.95 -12.56 -17.33
N ILE C 62 38.85 -13.30 -17.35
CA ILE C 62 38.86 -14.67 -17.86
C ILE C 62 37.77 -14.86 -18.91
N THR C 63 38.16 -15.11 -20.15
CA THR C 63 37.19 -15.41 -21.19
C THR C 63 36.75 -16.87 -21.02
N LEU C 64 35.70 -17.23 -21.74
CA LEU C 64 35.12 -18.56 -21.62
C LEU C 64 35.02 -19.21 -22.98
N LYS C 65 34.90 -20.52 -23.01
CA LYS C 65 34.64 -21.23 -24.26
C LYS C 65 33.69 -22.40 -24.01
N MET C 66 33.12 -22.91 -25.10
CA MET C 66 32.19 -24.03 -25.01
C MET C 66 32.81 -25.21 -25.74
N ASP C 67 32.89 -26.37 -25.08
CA ASP C 67 33.47 -27.53 -25.75
C ASP C 67 32.50 -28.17 -26.72
N GLU C 68 32.90 -29.32 -27.28
CA GLU C 68 32.13 -30.01 -28.29
C GLU C 68 30.74 -30.44 -27.78
N GLN C 69 30.68 -30.78 -26.49
CA GLN C 69 29.43 -31.24 -25.87
C GLN C 69 28.54 -30.08 -25.42
N GLY C 70 29.06 -28.86 -25.49
CA GLY C 70 28.28 -27.69 -25.12
C GLY C 70 28.48 -27.29 -23.67
N TRP C 71 29.56 -27.77 -23.07
CA TRP C 71 29.91 -27.40 -21.71
C TRP C 71 30.77 -26.15 -21.74
N LEU C 72 30.51 -25.25 -20.80
CA LEU C 72 31.23 -24.00 -20.65
C LEU C 72 32.43 -24.19 -19.75
N MET C 73 33.53 -23.52 -20.06
CA MET C 73 34.73 -23.60 -19.23
C MET C 73 35.65 -22.41 -19.48
N PRO C 74 36.58 -22.14 -18.54
CA PRO C 74 37.49 -21.01 -18.73
C PRO C 74 38.35 -21.16 -19.99
N ASP C 75 38.68 -20.03 -20.61
CA ASP C 75 39.54 -20.04 -21.79
C ASP C 75 40.88 -19.35 -21.49
N THR C 76 40.90 -18.03 -21.69
CA THR C 76 42.09 -17.20 -21.53
C THR C 76 42.05 -16.45 -20.19
N THR C 77 43.22 -16.22 -19.59
CA THR C 77 43.32 -15.40 -18.38
C THR C 77 44.30 -14.23 -18.52
N LEU C 78 43.84 -13.02 -18.23
CA LEU C 78 44.72 -11.83 -18.15
C LEU C 78 44.67 -11.20 -16.77
N HIS C 79 45.77 -10.57 -16.37
CA HIS C 79 45.86 -9.98 -15.06
C HIS C 79 46.77 -8.77 -15.08
N PHE C 80 46.32 -7.65 -14.51
CA PHE C 80 47.16 -6.45 -14.40
C PHE C 80 47.09 -5.82 -13.04
N HIS C 81 48.22 -5.35 -12.54
CA HIS C 81 48.24 -4.42 -11.43
C HIS C 81 48.12 -3.02 -11.99
N VAL C 82 47.31 -2.19 -11.36
CA VAL C 82 46.93 -0.93 -11.94
C VAL C 82 47.39 0.22 -11.06
N GLU C 83 47.94 1.25 -11.70
CA GLU C 83 48.38 2.45 -11.00
C GLU C 83 47.21 3.38 -10.72
N PRO C 84 47.13 3.90 -9.49
CA PRO C 84 46.10 4.89 -9.12
C PRO C 84 46.07 6.03 -10.12
N PHE C 85 44.91 6.33 -10.66
CA PHE C 85 44.77 7.44 -11.59
C PHE C 85 45.06 8.76 -10.88
N VAL C 86 45.39 9.80 -11.66
CA VAL C 86 45.81 11.06 -11.06
C VAL C 86 44.67 11.65 -10.21
N GLY C 87 44.95 11.89 -8.94
CA GLY C 87 43.98 12.48 -8.03
C GLY C 87 43.14 11.44 -7.32
N ALA C 88 43.34 10.18 -7.68
CA ALA C 88 42.58 9.09 -7.09
C ALA C 88 42.70 9.07 -5.57
N ASN C 89 41.59 8.79 -4.91
CA ASN C 89 41.55 8.60 -3.48
C ASN C 89 41.97 7.17 -3.09
N LEU C 90 42.65 7.04 -1.97
CA LEU C 90 43.02 5.73 -1.43
C LEU C 90 42.49 5.59 0.00
N GLN C 91 41.57 4.66 0.22
CA GLN C 91 41.01 4.42 1.56
C GLN C 91 41.78 3.31 2.29
N PRO C 92 42.31 3.63 3.48
CA PRO C 92 43.10 2.67 4.26
C PRO C 92 42.39 1.33 4.51
N GLU C 93 41.12 1.38 4.90
CA GLU C 93 40.38 0.14 5.20
C GLU C 93 40.29 -0.79 3.99
N ALA C 94 40.25 -0.20 2.80
CA ALA C 94 40.26 -0.97 1.57
C ALA C 94 41.62 -1.64 1.37
N LEU C 95 42.69 -0.86 1.57
CA LEU C 95 44.04 -1.38 1.46
C LEU C 95 44.29 -2.48 2.49
N ALA C 96 43.75 -2.30 3.69
CA ALA C 96 43.86 -3.33 4.72
C ALA C 96 43.13 -4.61 4.30
N PHE C 97 42.05 -4.45 3.55
CA PHE C 97 41.22 -5.58 3.14
C PHE C 97 41.88 -6.40 2.02
N ASN C 98 42.34 -5.72 0.97
CA ASN C 98 42.95 -6.42 -0.15
C ASN C 98 44.46 -6.63 -0.04
N GLY C 99 45.08 -6.00 0.95
CA GLY C 99 46.49 -6.18 1.24
C GLY C 99 47.41 -5.57 0.19
N ILE C 100 46.86 -4.71 -0.65
CA ILE C 100 47.63 -4.09 -1.72
C ILE C 100 48.42 -2.86 -1.24
N ASP C 101 49.70 -2.81 -1.62
CA ASP C 101 50.54 -1.65 -1.32
C ASP C 101 50.88 -0.87 -2.59
N PRO C 102 50.13 0.21 -2.87
CA PRO C 102 50.34 1.03 -4.08
C PRO C 102 51.73 1.64 -4.06
N ASN C 103 52.43 1.44 -2.95
CA ASN C 103 53.78 1.93 -2.75
C ASN C 103 54.86 1.11 -3.46
N ASP C 104 54.84 -0.19 -3.22
CA ASP C 104 55.84 -1.10 -3.79
C ASP C 104 56.08 -0.83 -5.27
N PRO C 105 57.29 -0.34 -5.61
CA PRO C 105 57.67 0.00 -6.99
C PRO C 105 57.91 -1.24 -7.87
N ASP C 106 58.05 -2.40 -7.24
CA ASP C 106 58.19 -3.65 -8.00
C ASP C 106 56.85 -4.36 -8.14
N ARG C 107 55.78 -3.66 -7.78
CA ARG C 107 54.43 -4.20 -7.91
C ARG C 107 54.10 -4.45 -9.37
N GLY C 108 54.70 -3.64 -10.25
CA GLY C 108 54.53 -3.81 -11.68
C GLY C 108 53.24 -3.21 -12.22
N ALA C 109 52.77 -2.16 -11.57
CA ALA C 109 51.52 -1.51 -11.97
C ALA C 109 51.63 -0.86 -13.35
N VAL C 110 50.53 -0.91 -14.10
CA VAL C 110 50.45 -0.24 -15.40
C VAL C 110 49.30 0.76 -15.36
N SER C 111 49.19 1.61 -16.36
CA SER C 111 48.10 2.60 -16.37
C SER C 111 46.75 1.91 -16.57
N GLU C 112 45.67 2.58 -16.16
CA GLU C 112 44.34 2.10 -16.45
C GLU C 112 44.18 1.90 -17.94
N TYR C 113 44.70 2.84 -18.72
CA TYR C 113 44.69 2.70 -20.17
C TYR C 113 45.29 1.38 -20.64
N GLU C 114 46.51 1.09 -20.18
CA GLU C 114 47.21 -0.11 -20.60
C GLU C 114 46.44 -1.39 -20.23
N ALA C 115 46.00 -1.47 -18.97
CA ALA C 115 45.30 -2.67 -18.51
C ALA C 115 44.04 -2.90 -19.34
N LEU C 116 43.19 -1.89 -19.40
CA LEU C 116 41.93 -2.00 -20.14
C LEU C 116 42.17 -2.16 -21.64
N HIS C 117 43.08 -1.38 -22.21
CA HIS C 117 43.34 -1.54 -23.63
C HIS C 117 43.73 -2.98 -23.95
N GLU C 118 44.59 -3.58 -23.13
CA GLU C 118 45.05 -4.95 -23.38
C GLU C 118 43.93 -5.98 -23.22
N ILE C 119 43.12 -5.80 -22.18
CA ILE C 119 41.95 -6.66 -21.98
C ILE C 119 40.97 -6.50 -23.14
N PHE C 120 40.70 -5.26 -23.52
CA PHE C 120 39.75 -4.99 -24.60
C PHE C 120 40.22 -5.63 -25.91
N LYS C 121 41.52 -5.52 -26.18
CA LYS C 121 42.11 -6.16 -27.34
C LYS C 121 41.77 -7.65 -27.40
N VAL C 122 42.02 -8.37 -26.32
CA VAL C 122 41.78 -9.81 -26.26
C VAL C 122 40.30 -10.13 -26.39
N VAL C 123 39.48 -9.36 -25.68
CA VAL C 123 38.04 -9.55 -25.75
C VAL C 123 37.52 -9.36 -27.18
N ARG C 124 37.82 -8.21 -27.78
CA ARG C 124 37.47 -7.98 -29.18
C ARG C 124 37.88 -9.15 -30.06
N LYS C 125 39.09 -9.66 -29.85
CA LYS C 125 39.60 -10.79 -30.62
C LYS C 125 38.70 -12.02 -30.44
N GLY C 126 38.43 -12.36 -29.18
CA GLY C 126 37.65 -13.54 -28.85
C GLY C 126 36.20 -13.46 -29.33
N ILE C 127 35.71 -12.25 -29.50
CA ILE C 127 34.34 -12.04 -29.97
C ILE C 127 34.20 -12.46 -31.42
N LYS C 128 35.05 -11.91 -32.29
CA LYS C 128 34.99 -12.24 -33.71
C LYS C 128 35.04 -13.75 -33.93
N ALA C 129 36.01 -14.39 -33.27
CA ALA C 129 36.29 -15.81 -33.50
C ALA C 129 35.13 -16.77 -33.21
N SER C 130 34.01 -16.24 -32.72
CA SER C 130 32.89 -17.10 -32.36
C SER C 130 31.53 -16.63 -32.87
N GLY C 131 31.53 -15.60 -33.71
CA GLY C 131 30.28 -15.07 -34.23
C GLY C 131 29.53 -14.27 -33.17
N CYS C 132 30.18 -14.09 -32.02
CA CYS C 132 29.59 -13.26 -30.97
C CYS C 132 29.50 -11.82 -31.44
N ASN C 133 28.73 -11.01 -30.73
CA ASN C 133 28.41 -9.65 -31.15
C ASN C 133 28.97 -8.57 -30.20
N ARG C 134 28.86 -8.83 -28.90
CA ARG C 134 29.29 -7.87 -27.88
C ARG C 134 29.79 -8.67 -26.68
N ALA C 135 30.52 -8.02 -25.78
CA ALA C 135 30.95 -8.70 -24.56
C ALA C 135 30.00 -8.36 -23.41
N ILE C 136 29.86 -9.27 -22.46
CA ILE C 136 29.10 -8.94 -21.25
C ILE C 136 29.89 -9.37 -20.01
N MET C 137 30.01 -8.48 -19.04
CA MET C 137 30.78 -8.78 -17.85
C MET C 137 30.06 -9.73 -16.90
N VAL C 138 30.78 -10.76 -16.50
CA VAL C 138 30.35 -11.70 -15.49
C VAL C 138 31.14 -11.35 -14.23
N ALA C 139 30.46 -11.01 -13.16
CA ALA C 139 31.17 -10.67 -11.94
C ALA C 139 30.29 -10.87 -10.73
N HIS C 140 30.92 -10.98 -9.57
CA HIS C 140 30.17 -11.24 -8.34
C HIS C 140 29.77 -9.95 -7.63
N ASN C 141 28.45 -9.71 -7.54
CA ASN C 141 27.91 -8.36 -7.31
C ASN C 141 28.43 -7.44 -8.43
N ALA C 142 28.07 -7.79 -9.67
CA ALA C 142 28.69 -7.27 -10.88
C ALA C 142 28.61 -5.77 -11.05
N ASN C 143 27.62 -5.16 -10.41
CA ASN C 143 27.44 -3.72 -10.55
C ASN C 143 28.69 -2.97 -10.07
N PHE C 144 29.37 -3.57 -9.09
CA PHE C 144 30.62 -3.01 -8.55
C PHE C 144 31.75 -2.99 -9.59
N ASP C 145 32.14 -4.18 -10.07
CA ASP C 145 33.22 -4.28 -11.04
C ASP C 145 32.84 -3.55 -12.34
N HIS C 146 31.58 -3.62 -12.73
CA HIS C 146 31.14 -2.92 -13.94
C HIS C 146 31.34 -1.40 -13.80
N SER C 147 30.96 -0.84 -12.65
CA SER C 147 31.09 0.61 -12.44
C SER C 147 32.54 1.06 -12.44
N PHE C 148 33.43 0.26 -11.83
CA PHE C 148 34.85 0.60 -11.82
C PHE C 148 35.48 0.47 -13.21
N MET C 149 35.15 -0.61 -13.91
CA MET C 149 35.71 -0.80 -15.23
C MET C 149 35.25 0.32 -16.16
N MET C 150 33.97 0.67 -16.07
CA MET C 150 33.40 1.74 -16.91
C MET C 150 33.99 3.10 -16.57
N ALA C 151 34.26 3.34 -15.29
CA ALA C 151 34.80 4.63 -14.87
C ALA C 151 36.24 4.77 -15.35
N ALA C 152 36.97 3.66 -15.27
CA ALA C 152 38.38 3.67 -15.69
C ALA C 152 38.45 3.83 -17.20
N ALA C 153 37.56 3.16 -17.91
CA ALA C 153 37.53 3.26 -19.37
C ALA C 153 37.32 4.71 -19.77
N GLU C 154 36.47 5.41 -19.03
CA GLU C 154 36.18 6.81 -19.31
C GLU C 154 37.38 7.73 -19.05
N ARG C 155 38.01 7.55 -17.90
CA ARG C 155 39.20 8.33 -17.57
C ARG C 155 40.28 8.14 -18.62
N ALA C 156 40.45 6.90 -19.07
CA ALA C 156 41.47 6.58 -20.06
C ALA C 156 41.03 6.96 -21.47
N SER C 157 39.83 7.54 -21.57
CA SER C 157 39.29 7.98 -22.85
C SER C 157 39.30 6.86 -23.88
N LEU C 158 38.99 5.65 -23.46
CA LEU C 158 38.93 4.52 -24.39
C LEU C 158 37.62 4.56 -25.17
N LYS C 159 37.73 4.57 -26.50
CA LYS C 159 36.59 4.75 -27.38
C LYS C 159 35.94 3.45 -27.81
N ARG C 160 36.73 2.37 -27.86
CA ARG C 160 36.21 1.09 -28.32
C ARG C 160 36.12 0.07 -27.19
N ASN C 161 35.09 0.21 -26.36
CA ASN C 161 34.79 -0.72 -25.29
C ASN C 161 33.85 -1.82 -25.75
N PRO C 162 34.32 -3.07 -25.76
CA PRO C 162 33.47 -4.16 -26.27
C PRO C 162 32.40 -4.63 -25.28
N PHE C 163 32.45 -4.11 -24.06
CA PHE C 163 31.53 -4.57 -23.01
C PHE C 163 30.21 -3.81 -23.07
N HIS C 164 29.10 -4.53 -22.88
CA HIS C 164 27.80 -3.88 -22.80
C HIS C 164 27.90 -2.77 -21.75
N PRO C 165 27.41 -1.56 -22.08
CA PRO C 165 27.55 -0.42 -21.18
C PRO C 165 26.59 -0.43 -19.97
N PHE C 166 25.62 -1.34 -19.92
CA PHE C 166 24.81 -1.40 -18.70
C PHE C 166 24.37 -2.80 -18.23
N ALA C 167 24.35 -3.77 -19.14
CA ALA C 167 23.95 -5.13 -18.77
C ALA C 167 25.14 -5.88 -18.18
N THR C 168 24.86 -6.80 -17.25
CA THR C 168 25.91 -7.68 -16.68
C THR C 168 25.31 -9.03 -16.36
N PHE C 169 26.17 -10.01 -16.09
CA PHE C 169 25.76 -11.31 -15.57
C PHE C 169 26.30 -11.44 -14.13
N ASP C 170 25.46 -11.08 -13.17
CA ASP C 170 25.83 -11.10 -11.76
C ASP C 170 25.78 -12.52 -11.18
N THR C 171 26.94 -13.07 -10.81
CA THR C 171 26.97 -14.42 -10.23
C THR C 171 26.31 -14.50 -8.85
N ALA C 172 26.21 -13.37 -8.15
CA ALA C 172 25.53 -13.40 -6.87
C ALA C 172 24.06 -13.77 -7.08
N ALA C 173 23.43 -13.10 -8.04
CA ALA C 173 22.03 -13.37 -8.35
C ALA C 173 21.89 -14.79 -8.89
N LEU C 174 22.80 -15.16 -9.79
CA LEU C 174 22.77 -16.48 -10.41
C LEU C 174 22.94 -17.60 -9.37
N ALA C 175 23.83 -17.41 -8.40
CA ALA C 175 23.97 -18.34 -7.28
C ALA C 175 22.75 -18.37 -6.37
N GLY C 176 22.13 -17.21 -6.17
CA GLY C 176 20.93 -17.13 -5.37
C GLY C 176 19.87 -18.07 -5.92
N LEU C 177 19.72 -18.03 -7.24
CA LEU C 177 18.79 -18.89 -7.93
C LEU C 177 19.22 -20.36 -7.88
N ALA C 178 20.46 -20.61 -8.27
CA ALA C 178 20.92 -21.99 -8.47
C ALA C 178 21.28 -22.68 -7.16
N LEU C 179 21.78 -21.92 -6.20
CA LEU C 179 22.37 -22.53 -5.01
C LEU C 179 21.75 -22.07 -3.71
N GLY C 180 20.87 -21.06 -3.78
CA GLY C 180 20.28 -20.50 -2.58
C GLY C 180 21.28 -19.76 -1.71
N GLN C 181 22.37 -19.29 -2.33
CA GLN C 181 23.42 -18.56 -1.63
C GLN C 181 23.90 -17.38 -2.47
N THR C 182 24.23 -16.26 -1.83
CA THR C 182 24.68 -15.09 -2.58
C THR C 182 26.11 -14.67 -2.25
N VAL C 183 26.68 -15.23 -1.17
CA VAL C 183 28.06 -14.93 -0.81
C VAL C 183 29.03 -15.82 -1.60
N LEU C 184 30.05 -15.21 -2.20
CA LEU C 184 30.92 -15.92 -3.13
C LEU C 184 31.49 -17.20 -2.54
N SER C 185 32.08 -17.07 -1.35
CA SER C 185 32.72 -18.22 -0.71
C SER C 185 31.69 -19.32 -0.46
N LYS C 186 30.51 -18.93 -0.02
CA LYS C 186 29.47 -19.88 0.34
C LYS C 186 28.84 -20.54 -0.89
N ALA C 187 28.64 -19.76 -1.95
CA ALA C 187 28.08 -20.32 -3.19
C ALA C 187 29.02 -21.37 -3.77
N CYS C 188 30.32 -21.07 -3.79
CA CYS C 188 31.31 -22.01 -4.31
C CYS C 188 31.31 -23.33 -3.54
N GLN C 189 31.38 -23.23 -2.22
CA GLN C 189 31.37 -24.40 -1.36
C GLN C 189 30.05 -25.17 -1.54
N THR C 190 28.95 -24.45 -1.63
CA THR C 190 27.65 -25.07 -1.86
C THR C 190 27.59 -25.77 -3.23
N ALA C 191 28.33 -25.24 -4.20
CA ALA C 191 28.35 -25.84 -5.53
C ALA C 191 29.32 -27.01 -5.62
N GLY C 192 29.93 -27.35 -4.49
CA GLY C 192 30.87 -28.46 -4.44
C GLY C 192 32.26 -28.08 -4.88
N MET C 193 32.54 -26.78 -4.90
CA MET C 193 33.85 -26.29 -5.32
C MET C 193 34.78 -26.16 -4.12
N ASP C 194 36.08 -26.22 -4.38
CA ASP C 194 37.05 -25.82 -3.37
C ASP C 194 37.03 -24.29 -3.26
N PHE C 195 37.12 -23.79 -2.04
CA PHE C 195 37.32 -22.37 -1.84
C PHE C 195 38.24 -22.17 -0.65
N ASP C 196 39.25 -21.33 -0.83
CA ASP C 196 40.22 -21.06 0.21
C ASP C 196 40.29 -19.58 0.52
N SER C 197 39.67 -19.17 1.62
CA SER C 197 39.65 -17.77 2.03
C SER C 197 41.06 -17.21 2.23
N THR C 198 42.04 -18.11 2.39
CA THR C 198 43.44 -17.70 2.49
C THR C 198 43.92 -17.12 1.17
N GLN C 199 43.23 -17.46 0.08
CA GLN C 199 43.57 -16.97 -1.26
C GLN C 199 42.60 -15.89 -1.72
N ALA C 200 41.43 -15.85 -1.09
CA ALA C 200 40.39 -14.89 -1.46
C ALA C 200 40.89 -13.44 -1.43
N HIS C 201 40.29 -12.61 -2.29
CA HIS C 201 40.57 -11.18 -2.32
C HIS C 201 41.88 -10.83 -3.02
N SER C 202 42.35 -11.78 -3.82
CA SER C 202 43.33 -11.50 -4.86
C SER C 202 42.57 -11.58 -6.18
N ALA C 203 42.88 -10.70 -7.12
CA ALA C 203 42.08 -10.62 -8.33
C ALA C 203 42.10 -11.93 -9.11
N LEU C 204 43.30 -12.52 -9.22
CA LEU C 204 43.44 -13.75 -10.00
C LEU C 204 42.60 -14.90 -9.43
N TYR C 205 42.67 -15.09 -8.12
CA TYR C 205 41.98 -16.20 -7.47
C TYR C 205 40.47 -16.01 -7.45
N ASP C 206 40.02 -14.82 -7.06
CA ASP C 206 38.58 -14.53 -7.06
C ASP C 206 37.99 -14.69 -8.46
N THR C 207 38.69 -14.18 -9.47
CA THR C 207 38.19 -14.29 -10.84
C THR C 207 38.06 -15.75 -11.27
N GLU C 208 39.06 -16.55 -10.93
CA GLU C 208 39.07 -17.96 -11.31
C GLU C 208 37.91 -18.71 -10.64
N ARG C 209 37.72 -18.51 -9.34
CA ARG C 209 36.62 -19.14 -8.63
C ARG C 209 35.27 -18.66 -9.19
N THR C 210 35.20 -17.38 -9.52
CA THR C 210 33.98 -16.80 -10.07
C THR C 210 33.68 -17.38 -11.45
N ALA C 211 34.72 -17.55 -12.27
CA ALA C 211 34.54 -18.16 -13.58
C ALA C 211 34.06 -19.61 -13.47
N VAL C 212 34.67 -20.37 -12.57
CA VAL C 212 34.29 -21.78 -12.39
C VAL C 212 32.87 -21.91 -11.83
N LEU C 213 32.52 -20.98 -10.95
CA LEU C 213 31.16 -20.89 -10.41
C LEU C 213 30.13 -20.62 -11.51
N PHE C 214 30.38 -19.59 -12.31
CA PHE C 214 29.50 -19.25 -13.43
C PHE C 214 29.33 -20.43 -14.39
N CYS C 215 30.43 -21.11 -14.72
CA CYS C 215 30.36 -22.24 -15.64
C CYS C 215 29.57 -23.41 -15.05
N GLU C 216 29.78 -23.68 -13.78
CA GLU C 216 29.02 -24.72 -13.09
C GLU C 216 27.52 -24.44 -13.10
N ILE C 217 27.14 -23.19 -12.87
CA ILE C 217 25.71 -22.85 -12.85
C ILE C 217 25.07 -23.06 -14.24
N VAL C 218 25.76 -22.59 -15.28
CA VAL C 218 25.30 -22.75 -16.64
C VAL C 218 25.22 -24.25 -17.01
N ASN C 219 26.30 -24.98 -16.71
CA ASN C 219 26.36 -26.41 -17.02
C ASN C 219 25.34 -27.22 -16.22
N ARG C 220 25.12 -26.84 -14.96
CA ARG C 220 24.10 -27.50 -14.15
C ARG C 220 22.70 -27.33 -14.78
N TRP C 221 22.40 -26.14 -15.27
CA TRP C 221 21.10 -25.91 -15.89
C TRP C 221 20.93 -26.80 -17.11
N LYS C 222 22.00 -26.92 -17.89
CA LYS C 222 22.00 -27.80 -19.05
C LYS C 222 21.84 -29.27 -18.65
N ARG C 223 22.63 -29.71 -17.68
CA ARG C 223 22.58 -31.11 -17.24
C ARG C 223 21.16 -31.52 -16.87
N LEU C 224 20.48 -30.64 -16.13
CA LEU C 224 19.11 -30.91 -15.70
C LEU C 224 18.08 -30.84 -16.82
N GLY C 225 18.52 -30.39 -18.00
CA GLY C 225 17.64 -30.32 -19.16
C GLY C 225 16.89 -29.00 -19.30
N GLY C 226 17.40 -27.97 -18.64
CA GLY C 226 16.84 -26.63 -18.78
C GLY C 226 17.26 -25.95 -20.07
N TRP C 227 18.35 -26.41 -20.66
CA TRP C 227 18.85 -25.87 -21.93
C TRP C 227 19.31 -27.01 -22.83
N PRO C 228 19.06 -26.88 -24.16
CA PRO C 228 18.31 -25.80 -24.79
C PRO C 228 16.81 -25.92 -24.47
N LEU C 229 16.00 -24.99 -24.96
CA LEU C 229 14.59 -25.01 -24.63
C LEU C 229 13.89 -26.24 -25.23
N SER C 230 14.44 -26.73 -26.33
CA SER C 230 13.99 -27.98 -26.95
C SER C 230 13.91 -29.12 -25.93
N ALA C 231 14.94 -29.25 -25.10
CA ALA C 231 14.94 -30.25 -24.00
C ALA C 231 14.65 -31.67 -24.47
N GLY D 29 9.66 -22.51 2.89
CA GLY D 29 9.47 -21.10 3.19
C GLY D 29 10.28 -20.19 2.29
N LEU D 30 9.72 -19.02 1.98
CA LEU D 30 10.40 -18.03 1.14
C LEU D 30 11.69 -17.61 1.81
N CYS D 31 11.75 -17.84 3.12
CA CYS D 31 12.84 -17.40 3.97
C CYS D 31 14.06 -18.30 3.85
N ASP D 32 13.84 -19.54 3.44
CA ASP D 32 14.93 -20.50 3.32
C ASP D 32 15.42 -20.57 1.88
N ARG D 33 14.74 -19.87 1.00
CA ARG D 33 15.04 -19.99 -0.41
C ARG D 33 16.25 -19.14 -0.83
N PHE D 34 16.37 -17.96 -0.23
CA PHE D 34 17.44 -17.03 -0.57
C PHE D 34 18.20 -16.56 0.66
N ARG D 35 18.64 -17.52 1.46
CA ARG D 35 19.36 -17.29 2.72
C ARG D 35 18.94 -16.07 3.55
N GLY D 36 17.63 -15.88 3.68
CA GLY D 36 17.11 -14.82 4.53
C GLY D 36 16.67 -13.56 3.79
N PHE D 37 16.98 -13.50 2.50
CA PHE D 37 16.58 -12.37 1.67
C PHE D 37 15.12 -12.44 1.21
N TYR D 38 14.43 -11.31 1.36
CA TYR D 38 13.02 -11.15 1.00
C TYR D 38 13.00 -10.41 -0.33
N PRO D 39 12.80 -11.13 -1.43
CA PRO D 39 12.89 -10.51 -2.76
C PRO D 39 11.66 -9.68 -3.11
N VAL D 40 11.89 -8.42 -3.46
CA VAL D 40 10.84 -7.48 -3.81
C VAL D 40 11.12 -6.93 -5.21
N VAL D 41 10.14 -7.03 -6.10
CA VAL D 41 10.32 -6.58 -7.47
C VAL D 41 10.06 -5.09 -7.59
N ILE D 42 10.97 -4.38 -8.23
CA ILE D 42 10.87 -2.93 -8.37
C ILE D 42 11.10 -2.51 -9.81
N ASP D 43 10.28 -1.59 -10.29
CA ASP D 43 10.57 -0.89 -11.53
C ASP D 43 10.41 0.58 -11.25
N VAL D 44 11.32 1.39 -11.81
CA VAL D 44 11.21 2.85 -11.74
C VAL D 44 11.13 3.47 -13.13
N GLU D 45 10.40 4.58 -13.25
CA GLU D 45 10.50 5.43 -14.44
C GLU D 45 11.21 6.71 -14.03
N THR D 46 12.02 7.23 -14.95
CA THR D 46 12.93 8.32 -14.66
C THR D 46 12.92 9.37 -15.75
N ALA D 47 13.59 10.50 -15.50
CA ALA D 47 13.74 11.56 -16.49
C ALA D 47 15.17 11.58 -17.04
N GLY D 48 15.81 10.41 -17.08
CA GLY D 48 17.17 10.31 -17.59
C GLY D 48 17.85 9.05 -17.10
N PHE D 49 19.13 8.89 -17.47
CA PHE D 49 19.89 7.69 -17.11
C PHE D 49 20.77 7.84 -15.86
N ASN D 50 20.89 9.06 -15.35
CA ASN D 50 21.77 9.33 -14.21
C ASN D 50 21.00 9.47 -12.90
N ALA D 51 21.30 8.59 -11.94
CA ALA D 51 20.51 8.48 -10.72
C ALA D 51 20.75 9.65 -9.75
N LYS D 52 21.91 10.29 -9.86
CA LYS D 52 22.24 11.39 -8.96
C LYS D 52 21.68 12.72 -9.44
N THR D 53 21.49 12.86 -10.75
CA THR D 53 21.07 14.15 -11.31
C THR D 53 19.68 14.18 -11.94
N ASP D 54 19.14 13.02 -12.33
CA ASP D 54 17.86 13.00 -13.02
C ASP D 54 16.68 12.56 -12.16
N ALA D 55 15.51 13.13 -12.45
CA ALA D 55 14.30 12.86 -11.68
C ALA D 55 13.89 11.40 -11.69
N LEU D 56 13.51 10.91 -10.52
CA LEU D 56 12.71 9.71 -10.38
C LEU D 56 11.25 10.14 -10.56
N LEU D 57 10.50 9.49 -11.45
CA LEU D 57 9.14 9.92 -11.75
C LEU D 57 8.04 8.92 -11.37
N GLU D 58 8.41 7.67 -11.17
CA GLU D 58 7.42 6.64 -10.90
C GLU D 58 8.10 5.41 -10.36
N ILE D 59 7.44 4.73 -9.44
CA ILE D 59 8.00 3.52 -8.87
C ILE D 59 6.88 2.56 -8.50
N ALA D 60 7.09 1.28 -8.79
CA ALA D 60 6.14 0.25 -8.39
C ALA D 60 6.93 -0.88 -7.72
N ALA D 61 6.27 -1.51 -6.74
CA ALA D 61 6.90 -2.57 -5.96
C ALA D 61 5.95 -3.75 -5.87
N ILE D 62 6.50 -4.95 -6.03
CA ILE D 62 5.70 -6.17 -5.86
C ILE D 62 6.45 -7.15 -4.96
N THR D 63 5.88 -7.42 -3.79
CA THR D 63 6.42 -8.44 -2.90
C THR D 63 6.01 -9.81 -3.42
N LEU D 64 6.66 -10.85 -2.91
CA LEU D 64 6.42 -12.21 -3.36
C LEU D 64 6.06 -13.10 -2.18
N LYS D 65 5.44 -14.24 -2.47
CA LYS D 65 5.16 -15.22 -1.43
C LYS D 65 5.32 -16.62 -2.00
N MET D 66 5.47 -17.59 -1.11
CA MET D 66 5.65 -18.98 -1.51
C MET D 66 4.42 -19.76 -1.05
N ASP D 67 3.82 -20.54 -1.94
CA ASP D 67 2.63 -21.30 -1.57
C ASP D 67 2.98 -22.61 -0.89
N GLU D 68 1.95 -23.41 -0.58
CA GLU D 68 2.11 -24.64 0.17
C GLU D 68 3.15 -25.57 -0.46
N GLN D 69 3.13 -25.67 -1.78
CA GLN D 69 4.00 -26.59 -2.49
C GLN D 69 5.39 -26.00 -2.75
N GLY D 70 5.56 -24.73 -2.40
CA GLY D 70 6.86 -24.09 -2.55
C GLY D 70 7.01 -23.32 -3.84
N TRP D 71 5.89 -23.03 -4.50
CA TRP D 71 5.93 -22.21 -5.70
C TRP D 71 5.94 -20.73 -5.31
N LEU D 72 6.66 -19.94 -6.08
CA LEU D 72 6.77 -18.50 -5.87
C LEU D 72 5.70 -17.80 -6.70
N MET D 73 5.12 -16.73 -6.15
CA MET D 73 4.12 -15.96 -6.88
C MET D 73 4.02 -14.56 -6.30
N PRO D 74 3.48 -13.61 -7.07
CA PRO D 74 3.29 -12.24 -6.58
C PRO D 74 2.37 -12.18 -5.36
N ASP D 75 2.64 -11.23 -4.47
CA ASP D 75 1.85 -11.04 -3.26
C ASP D 75 1.18 -9.65 -3.26
N THR D 76 1.90 -8.65 -2.76
CA THR D 76 1.38 -7.29 -2.63
C THR D 76 1.93 -6.37 -3.72
N THR D 77 1.11 -5.42 -4.17
CA THR D 77 1.54 -4.42 -5.16
C THR D 77 1.34 -2.99 -4.65
N LEU D 78 2.40 -2.18 -4.71
CA LEU D 78 2.34 -0.74 -4.39
C LEU D 78 2.77 0.04 -5.62
N HIS D 79 2.21 1.24 -5.82
CA HIS D 79 2.61 2.06 -6.96
C HIS D 79 2.50 3.54 -6.63
N PHE D 80 3.51 4.33 -6.99
CA PHE D 80 3.46 5.78 -6.77
C PHE D 80 3.99 6.56 -7.96
N HIS D 81 3.34 7.68 -8.28
CA HIS D 81 3.95 8.70 -9.13
C HIS D 81 4.74 9.63 -8.22
N VAL D 82 5.92 10.04 -8.69
CA VAL D 82 6.87 10.74 -7.85
C VAL D 82 7.19 12.12 -8.43
N GLU D 83 7.20 13.11 -7.55
CA GLU D 83 7.58 14.47 -7.91
C GLU D 83 9.11 14.59 -8.04
N PRO D 84 9.57 15.26 -9.09
CA PRO D 84 11.00 15.51 -9.27
C PRO D 84 11.59 16.17 -8.03
N PHE D 85 12.70 15.65 -7.52
CA PHE D 85 13.34 16.25 -6.37
C PHE D 85 13.84 17.65 -6.73
N VAL D 86 14.09 18.48 -5.72
CA VAL D 86 14.55 19.85 -5.92
C VAL D 86 15.84 19.88 -6.73
N GLY D 87 15.82 20.60 -7.85
CA GLY D 87 17.01 20.75 -8.67
C GLY D 87 17.24 19.60 -9.63
N ALA D 88 16.28 18.68 -9.69
CA ALA D 88 16.39 17.52 -10.57
C ALA D 88 16.39 17.91 -12.03
N ASN D 89 17.20 17.22 -12.82
CA ASN D 89 17.22 17.41 -14.26
C ASN D 89 16.13 16.57 -14.95
N LEU D 90 15.62 17.07 -16.06
CA LEU D 90 14.64 16.34 -16.86
C LEU D 90 15.08 16.26 -18.33
N GLN D 91 15.40 15.06 -18.80
CA GLN D 91 15.80 14.85 -20.18
C GLN D 91 14.61 14.56 -21.09
N PRO D 92 14.34 15.45 -22.06
CA PRO D 92 13.17 15.29 -22.94
C PRO D 92 13.07 13.89 -23.56
N GLU D 93 14.18 13.32 -24.01
CA GLU D 93 14.15 11.98 -24.62
C GLU D 93 13.60 10.94 -23.66
N ALA D 94 13.84 11.14 -22.36
CA ALA D 94 13.31 10.24 -21.35
C ALA D 94 11.79 10.38 -21.28
N LEU D 95 11.31 11.61 -21.26
CA LEU D 95 9.88 11.87 -21.14
C LEU D 95 9.11 11.40 -22.37
N ALA D 96 9.75 11.49 -23.53
CA ALA D 96 9.18 10.98 -24.76
C ALA D 96 9.05 9.46 -24.71
N PHE D 97 10.01 8.82 -24.06
CA PHE D 97 10.10 7.36 -24.04
C PHE D 97 9.06 6.74 -23.10
N ASN D 98 8.88 7.34 -21.92
CA ASN D 98 7.94 6.83 -20.93
C ASN D 98 6.57 7.50 -20.94
N GLY D 99 6.44 8.61 -21.67
CA GLY D 99 5.16 9.28 -21.83
C GLY D 99 4.69 10.07 -20.62
N ILE D 100 5.57 10.22 -19.64
CA ILE D 100 5.25 10.95 -18.42
C ILE D 100 5.39 12.47 -18.61
N ASP D 101 4.44 13.21 -18.05
CA ASP D 101 4.52 14.68 -18.00
C ASP D 101 4.49 15.15 -16.56
N PRO D 102 5.64 15.59 -16.04
CA PRO D 102 5.78 16.01 -14.63
C PRO D 102 4.99 17.28 -14.33
N ASN D 103 4.35 17.85 -15.34
CA ASN D 103 3.55 19.06 -15.14
C ASN D 103 2.04 18.82 -15.03
N ASP D 104 1.58 17.67 -15.49
CA ASP D 104 0.16 17.33 -15.38
C ASP D 104 -0.30 17.49 -13.93
N PRO D 105 -1.28 18.37 -13.71
CA PRO D 105 -1.76 18.80 -12.39
C PRO D 105 -2.18 17.65 -11.49
N ASP D 106 -2.74 16.59 -12.06
CA ASP D 106 -3.20 15.47 -11.26
C ASP D 106 -2.60 14.14 -11.69
N ARG D 107 -1.27 14.07 -11.75
CA ARG D 107 -0.60 12.79 -11.88
C ARG D 107 -0.81 12.09 -10.55
N GLY D 108 -1.00 12.90 -9.50
CA GLY D 108 -1.08 12.38 -8.15
C GLY D 108 0.31 12.14 -7.58
N ALA D 109 1.30 12.87 -8.09
CA ALA D 109 2.67 12.69 -7.66
C ALA D 109 2.87 12.98 -6.17
N VAL D 110 3.71 12.18 -5.52
CA VAL D 110 4.09 12.40 -4.12
C VAL D 110 5.60 12.57 -4.05
N SER D 111 6.11 12.98 -2.89
CA SER D 111 7.55 13.17 -2.74
C SER D 111 8.25 11.83 -2.80
N GLU D 112 9.54 11.82 -3.13
CA GLU D 112 10.26 10.56 -3.08
C GLU D 112 10.31 10.04 -1.64
N TYR D 113 10.28 10.94 -0.66
CA TYR D 113 10.16 10.51 0.72
C TYR D 113 8.89 9.67 0.95
N GLU D 114 7.75 10.18 0.49
CA GLU D 114 6.48 9.49 0.68
C GLU D 114 6.47 8.11 0.01
N ALA D 115 6.87 8.06 -1.26
CA ALA D 115 6.83 6.81 -2.01
C ALA D 115 7.71 5.75 -1.35
N LEU D 116 8.96 6.11 -1.06
CA LEU D 116 9.90 5.15 -0.47
C LEU D 116 9.51 4.78 0.96
N HIS D 117 9.11 5.76 1.76
CA HIS D 117 8.71 5.46 3.12
C HIS D 117 7.56 4.46 3.12
N GLU D 118 6.57 4.66 2.25
CA GLU D 118 5.43 3.74 2.16
C GLU D 118 5.84 2.34 1.69
N ILE D 119 6.72 2.27 0.71
CA ILE D 119 7.19 0.98 0.22
C ILE D 119 8.02 0.28 1.29
N PHE D 120 8.92 1.03 1.92
CA PHE D 120 9.78 0.47 2.97
C PHE D 120 8.94 -0.04 4.12
N LYS D 121 7.89 0.71 4.48
CA LYS D 121 6.99 0.27 5.55
C LYS D 121 6.42 -1.12 5.25
N VAL D 122 5.89 -1.28 4.04
CA VAL D 122 5.31 -2.56 3.62
C VAL D 122 6.37 -3.66 3.61
N VAL D 123 7.54 -3.34 3.08
CA VAL D 123 8.60 -4.33 2.98
C VAL D 123 9.05 -4.83 4.36
N ARG D 124 9.27 -3.91 5.29
CA ARG D 124 9.68 -4.32 6.64
C ARG D 124 8.70 -5.29 7.28
N LYS D 125 7.41 -5.04 7.09
CA LYS D 125 6.40 -5.92 7.68
C LYS D 125 6.46 -7.29 7.03
N GLY D 126 6.52 -7.30 5.70
CA GLY D 126 6.60 -8.54 4.94
C GLY D 126 7.81 -9.37 5.31
N ILE D 127 8.89 -8.70 5.74
CA ILE D 127 10.10 -9.38 6.15
C ILE D 127 9.91 -10.17 7.45
N LYS D 128 9.28 -9.54 8.43
CA LYS D 128 9.07 -10.18 9.73
C LYS D 128 8.23 -11.44 9.60
N ALA D 129 7.13 -11.33 8.86
CA ALA D 129 6.20 -12.44 8.70
C ALA D 129 6.87 -13.68 8.09
N SER D 130 7.69 -13.48 7.07
CA SER D 130 8.24 -14.59 6.30
C SER D 130 9.41 -15.30 6.98
N GLY D 131 10.07 -14.63 7.91
CA GLY D 131 11.26 -15.19 8.55
C GLY D 131 12.55 -14.63 7.96
N CYS D 132 12.40 -13.79 6.95
CA CYS D 132 13.57 -13.16 6.32
C CYS D 132 14.13 -12.10 7.26
N ASN D 133 15.31 -11.57 6.96
CA ASN D 133 15.89 -10.49 7.76
C ASN D 133 16.33 -9.26 6.96
N ARG D 134 16.26 -9.34 5.63
CA ARG D 134 16.66 -8.22 4.78
C ARG D 134 15.93 -8.32 3.43
N ALA D 135 15.68 -7.18 2.80
CA ALA D 135 15.07 -7.20 1.47
C ALA D 135 16.15 -7.24 0.38
N ILE D 136 15.84 -7.83 -0.76
CA ILE D 136 16.71 -7.72 -1.94
C ILE D 136 15.89 -7.34 -3.17
N MET D 137 16.36 -6.34 -3.91
CA MET D 137 15.64 -5.86 -5.07
C MET D 137 15.78 -6.80 -6.27
N VAL D 138 14.64 -7.16 -6.83
CA VAL D 138 14.56 -7.90 -8.08
C VAL D 138 14.19 -6.88 -9.15
N ALA D 139 14.98 -6.77 -10.21
CA ALA D 139 14.68 -5.79 -11.25
C ALA D 139 15.34 -6.17 -12.55
N HIS D 140 14.88 -5.57 -13.65
CA HIS D 140 15.46 -5.88 -14.96
C HIS D 140 16.58 -4.93 -15.35
N ASN D 141 17.80 -5.47 -15.46
CA ASN D 141 19.01 -4.65 -15.40
C ASN D 141 19.01 -3.88 -14.08
N ALA D 142 19.03 -4.66 -13.00
CA ALA D 142 18.74 -4.16 -11.66
C ALA D 142 19.65 -3.02 -11.18
N ASN D 143 20.84 -2.89 -11.75
CA ASN D 143 21.72 -1.81 -11.29
C ASN D 143 21.08 -0.43 -11.43
N PHE D 144 20.27 -0.30 -12.48
CA PHE D 144 19.55 0.93 -12.78
C PHE D 144 18.55 1.29 -11.66
N ASP D 145 17.58 0.41 -11.44
CA ASP D 145 16.53 0.69 -10.47
C ASP D 145 17.13 0.79 -9.07
N HIS D 146 18.15 -0.02 -8.81
CA HIS D 146 18.81 0.03 -7.51
C HIS D 146 19.48 1.39 -7.27
N SER D 147 20.20 1.91 -8.27
CA SER D 147 20.87 3.20 -8.16
C SER D 147 19.89 4.34 -7.93
N PHE D 148 18.78 4.35 -8.67
CA PHE D 148 17.79 5.39 -8.48
C PHE D 148 17.12 5.28 -7.11
N MET D 149 16.78 4.07 -6.70
CA MET D 149 16.14 3.92 -5.41
C MET D 149 17.07 4.36 -4.28
N MET D 150 18.33 3.96 -4.35
CA MET D 150 19.30 4.34 -3.31
C MET D 150 19.59 5.84 -3.32
N ALA D 151 19.60 6.46 -4.50
CA ALA D 151 19.84 7.89 -4.60
C ALA D 151 18.69 8.67 -3.98
N ALA D 152 17.46 8.21 -4.24
CA ALA D 152 16.27 8.85 -3.69
C ALA D 152 16.19 8.67 -2.19
N ALA D 153 16.48 7.46 -1.72
CA ALA D 153 16.47 7.19 -0.28
C ALA D 153 17.48 8.11 0.40
N GLU D 154 18.60 8.35 -0.26
CA GLU D 154 19.61 9.26 0.26
C GLU D 154 19.10 10.71 0.30
N ARG D 155 18.53 11.16 -0.81
CA ARG D 155 18.01 12.52 -0.86
C ARG D 155 16.96 12.76 0.21
N ALA D 156 16.14 11.74 0.48
CA ALA D 156 15.05 11.86 1.46
C ALA D 156 15.51 11.57 2.88
N SER D 157 16.80 11.32 3.04
CA SER D 157 17.40 11.06 4.35
C SER D 157 16.76 9.89 5.08
N LEU D 158 16.28 8.90 4.33
CA LEU D 158 15.70 7.72 4.95
C LEU D 158 16.78 6.87 5.62
N LYS D 159 16.65 6.66 6.93
CA LYS D 159 17.62 5.91 7.71
C LYS D 159 17.32 4.42 7.79
N ARG D 160 16.05 4.04 7.68
CA ARG D 160 15.70 2.63 7.80
C ARG D 160 15.36 2.01 6.44
N ASN D 161 16.39 1.76 5.63
CA ASN D 161 16.21 1.14 4.32
C ASN D 161 16.34 -0.39 4.40
N PRO D 162 15.24 -1.10 4.14
CA PRO D 162 15.30 -2.55 4.35
C PRO D 162 16.03 -3.29 3.23
N PHE D 163 16.32 -2.60 2.14
CA PHE D 163 16.94 -3.23 0.97
C PHE D 163 18.45 -3.38 1.13
N HIS D 164 19.00 -4.51 0.67
CA HIS D 164 20.46 -4.67 0.67
C HIS D 164 21.07 -3.52 -0.11
N PRO D 165 22.10 -2.88 0.44
CA PRO D 165 22.65 -1.67 -0.19
C PRO D 165 23.56 -1.91 -1.40
N PHE D 166 23.89 -3.15 -1.73
CA PHE D 166 24.64 -3.37 -2.98
C PHE D 166 24.29 -4.63 -3.78
N ALA D 167 23.64 -5.60 -3.14
CA ALA D 167 23.24 -6.81 -3.86
C ALA D 167 21.84 -6.66 -4.46
N THR D 168 21.62 -7.29 -5.61
CA THR D 168 20.31 -7.31 -6.26
C THR D 168 20.11 -8.63 -6.96
N PHE D 169 18.89 -8.90 -7.41
CA PHE D 169 18.58 -10.04 -8.26
C PHE D 169 18.16 -9.53 -9.63
N ASP D 170 19.12 -9.49 -10.54
CA ASP D 170 18.90 -8.99 -11.90
C ASP D 170 18.21 -10.02 -12.78
N THR D 171 16.98 -9.73 -13.18
CA THR D 171 16.24 -10.65 -14.05
C THR D 171 16.85 -10.77 -15.47
N ALA D 172 17.59 -9.76 -15.91
CA ALA D 172 18.25 -9.83 -17.21
C ALA D 172 19.29 -10.97 -17.20
N ALA D 173 20.13 -10.99 -16.16
CA ALA D 173 21.10 -12.07 -16.01
C ALA D 173 20.39 -13.40 -15.81
N LEU D 174 19.39 -13.41 -14.93
CA LEU D 174 18.67 -14.65 -14.65
C LEU D 174 17.99 -15.20 -15.91
N ALA D 175 17.45 -14.31 -16.74
CA ALA D 175 16.84 -14.74 -18.00
C ALA D 175 17.90 -15.21 -18.99
N GLY D 176 19.07 -14.58 -18.97
CA GLY D 176 20.16 -15.02 -19.83
C GLY D 176 20.45 -16.48 -19.57
N LEU D 177 20.50 -16.83 -18.29
CA LEU D 177 20.77 -18.21 -17.88
C LEU D 177 19.60 -19.14 -18.23
N ALA D 178 18.40 -18.77 -17.77
CA ALA D 178 17.25 -19.67 -17.90
C ALA D 178 16.72 -19.75 -19.33
N LEU D 179 16.78 -18.65 -20.05
CA LEU D 179 16.03 -18.54 -21.30
C LEU D 179 16.89 -18.18 -22.50
N GLY D 180 18.17 -17.89 -22.27
CA GLY D 180 19.03 -17.44 -23.34
C GLY D 180 18.62 -16.10 -23.94
N GLN D 181 17.94 -15.27 -23.14
CA GLN D 181 17.51 -13.94 -23.56
C GLN D 181 17.74 -12.92 -22.43
N THR D 182 18.06 -11.68 -22.80
CA THR D 182 18.33 -10.65 -21.80
C THR D 182 17.38 -9.45 -21.89
N VAL D 183 16.67 -9.32 -23.01
CA VAL D 183 15.71 -8.25 -23.19
C VAL D 183 14.38 -8.65 -22.53
N LEU D 184 13.80 -7.74 -21.76
CA LEU D 184 12.61 -8.07 -20.98
C LEU D 184 11.49 -8.67 -21.82
N SER D 185 11.10 -7.95 -22.87
CA SER D 185 9.98 -8.41 -23.70
C SER D 185 10.28 -9.79 -24.29
N LYS D 186 11.49 -9.95 -24.79
CA LYS D 186 11.88 -11.21 -25.44
C LYS D 186 11.96 -12.36 -24.45
N ALA D 187 12.43 -12.08 -23.24
CA ALA D 187 12.54 -13.12 -22.22
C ALA D 187 11.15 -13.60 -21.77
N CYS D 188 10.24 -12.66 -21.62
CA CYS D 188 8.88 -13.01 -21.24
C CYS D 188 8.23 -13.92 -22.30
N GLN D 189 8.35 -13.54 -23.56
CA GLN D 189 7.79 -14.32 -24.66
C GLN D 189 8.41 -15.72 -24.70
N THR D 190 9.73 -15.77 -24.59
CA THR D 190 10.45 -17.04 -24.55
C THR D 190 10.01 -17.90 -23.37
N ALA D 191 9.63 -17.24 -22.28
CA ALA D 191 9.16 -17.96 -21.09
C ALA D 191 7.72 -18.43 -21.28
N GLY D 192 7.11 -18.04 -22.39
CA GLY D 192 5.74 -18.43 -22.69
C GLY D 192 4.74 -17.46 -22.11
N MET D 193 5.22 -16.30 -21.68
CA MET D 193 4.36 -15.28 -21.09
C MET D 193 3.79 -14.38 -22.18
N ASP D 194 2.68 -13.73 -21.87
CA ASP D 194 2.18 -12.66 -22.72
C ASP D 194 3.01 -11.42 -22.45
N PHE D 195 3.30 -10.64 -23.49
CA PHE D 195 3.95 -9.36 -23.30
C PHE D 195 3.37 -8.34 -24.28
N ASP D 196 2.77 -7.31 -23.73
CA ASP D 196 2.09 -6.31 -24.53
C ASP D 196 2.93 -5.05 -24.69
N SER D 197 3.58 -4.94 -25.85
CA SER D 197 4.39 -3.77 -26.20
C SER D 197 3.65 -2.46 -25.95
N THR D 198 2.31 -2.51 -26.02
CA THR D 198 1.49 -1.32 -25.86
C THR D 198 1.44 -0.85 -24.40
N GLN D 199 1.81 -1.74 -23.48
CA GLN D 199 1.72 -1.44 -22.06
C GLN D 199 3.08 -1.32 -21.38
N ALA D 200 4.11 -1.82 -22.04
CA ALA D 200 5.48 -1.70 -21.54
C ALA D 200 5.87 -0.24 -21.25
N HIS D 201 6.90 -0.06 -20.44
CA HIS D 201 7.44 1.26 -20.11
C HIS D 201 6.47 2.06 -19.25
N SER D 202 5.67 1.33 -18.48
CA SER D 202 4.87 1.92 -17.43
C SER D 202 5.17 1.10 -16.18
N ALA D 203 5.41 1.76 -15.06
CA ALA D 203 5.91 1.09 -13.87
C ALA D 203 5.09 -0.15 -13.50
N LEU D 204 3.78 0.01 -13.42
CA LEU D 204 2.90 -1.08 -13.00
C LEU D 204 3.00 -2.31 -13.91
N TYR D 205 2.87 -2.10 -15.21
CA TYR D 205 2.92 -3.22 -16.14
C TYR D 205 4.30 -3.88 -16.19
N ASP D 206 5.35 -3.07 -16.26
CA ASP D 206 6.70 -3.62 -16.28
C ASP D 206 7.05 -4.38 -15.00
N THR D 207 6.62 -3.86 -13.85
CA THR D 207 6.93 -4.50 -12.59
C THR D 207 6.23 -5.86 -12.52
N GLU D 208 4.99 -5.91 -13.03
CA GLU D 208 4.21 -7.15 -12.95
C GLU D 208 4.75 -8.25 -13.87
N ARG D 209 5.09 -7.90 -15.10
CA ARG D 209 5.71 -8.85 -16.01
C ARG D 209 7.05 -9.31 -15.43
N THR D 210 7.78 -8.38 -14.86
CA THR D 210 9.08 -8.70 -14.27
C THR D 210 8.94 -9.64 -13.08
N ALA D 211 7.90 -9.42 -12.27
CA ALA D 211 7.61 -10.29 -11.13
C ALA D 211 7.23 -11.69 -11.59
N VAL D 212 6.37 -11.77 -12.59
CA VAL D 212 5.94 -13.05 -13.13
C VAL D 212 7.11 -13.81 -13.78
N LEU D 213 7.97 -13.07 -14.48
CA LEU D 213 9.17 -13.67 -15.09
C LEU D 213 10.11 -14.23 -14.02
N PHE D 214 10.36 -13.45 -12.97
CA PHE D 214 11.21 -13.92 -11.89
C PHE D 214 10.66 -15.18 -11.24
N CYS D 215 9.37 -15.18 -10.90
CA CYS D 215 8.78 -16.36 -10.26
C CYS D 215 8.88 -17.60 -11.15
N GLU D 216 8.67 -17.40 -12.46
CA GLU D 216 8.74 -18.50 -13.42
C GLU D 216 10.13 -19.09 -13.52
N ILE D 217 11.16 -18.24 -13.51
CA ILE D 217 12.53 -18.75 -13.56
C ILE D 217 12.82 -19.55 -12.30
N VAL D 218 12.42 -19.01 -11.16
CA VAL D 218 12.60 -19.72 -9.90
C VAL D 218 11.79 -21.04 -9.89
N ASN D 219 10.53 -20.97 -10.29
CA ASN D 219 9.67 -22.16 -10.34
C ASN D 219 10.13 -23.22 -11.37
N ARG D 220 10.66 -22.75 -12.49
CA ARG D 220 11.25 -23.65 -13.48
C ARG D 220 12.42 -24.43 -12.89
N TRP D 221 13.31 -23.74 -12.19
CA TRP D 221 14.46 -24.38 -11.55
C TRP D 221 13.98 -25.51 -10.62
N LYS D 222 12.95 -25.20 -9.83
CA LYS D 222 12.37 -26.17 -8.92
C LYS D 222 11.75 -27.35 -9.66
N ARG D 223 10.90 -27.04 -10.63
CA ARG D 223 10.25 -28.04 -11.46
C ARG D 223 11.26 -29.06 -12.01
N LEU D 224 12.37 -28.55 -12.53
CA LEU D 224 13.39 -29.40 -13.14
C LEU D 224 14.24 -30.17 -12.13
N GLY D 225 14.06 -29.89 -10.85
CA GLY D 225 14.75 -30.63 -9.79
C GLY D 225 16.09 -30.02 -9.35
N GLY D 226 16.30 -28.75 -9.69
CA GLY D 226 17.49 -28.03 -9.26
C GLY D 226 17.40 -27.51 -7.83
N TRP D 227 16.19 -27.48 -7.27
CA TRP D 227 15.98 -27.04 -5.90
C TRP D 227 14.91 -27.91 -5.25
N PRO D 228 15.11 -28.28 -3.97
CA PRO D 228 16.28 -28.00 -3.13
C PRO D 228 17.48 -28.80 -3.63
N LEU D 229 18.65 -28.55 -3.07
CA LEU D 229 19.85 -29.26 -3.50
C LEU D 229 19.70 -30.77 -3.26
N SER D 230 18.93 -31.13 -2.23
CA SER D 230 18.71 -32.54 -1.90
C SER D 230 17.71 -33.23 -2.84
N ALA D 231 17.09 -32.46 -3.72
CA ALA D 231 16.06 -33.01 -4.62
C ALA D 231 16.55 -34.03 -5.65
N ALA D 232 17.67 -33.73 -6.32
CA ALA D 232 18.20 -34.61 -7.36
C ALA D 232 18.29 -36.08 -6.94
#